data_5FQF
#
_entry.id   5FQF
#
_cell.length_a   85.030
_cell.length_b   114.790
_cell.length_c   134.700
_cell.angle_alpha   90.00
_cell.angle_beta   90.00
_cell.angle_gamma   90.00
#
_symmetry.space_group_name_H-M   'P 21 21 21'
#
loop_
_entity.id
_entity.type
_entity.pdbx_description
1 polymer BETA-N-ACETYLGALACTOSAMINIDASE
2 non-polymer 2-acetamido-2-deoxy-beta-D-galactopyranose
3 non-polymer 'FORMIC ACID'
4 water water
#
_entity_poly.entity_id   1
_entity_poly.type   'polypeptide(L)'
_entity_poly.pdbx_seq_one_letter_code
;MGSSHHHHHHSSGLVPRGSHMASMKKDTTLGASIGSTDFHYLQKDYDEIKKLNLNTWNEVAWIGDELNSKIVMWTNSSPV
NNVTLSSSDFINENGDLISSNNIKISWLKETLANIGRSNPSAPLEPFPDIIHNSGSLNIEKNKIASAWINIKIPRNAKPG
IYNGSIEVTADELEKSYTFDYSFEVLNLVQPLPSETNTQIEFWQHPYTIARYYKICKEDLFTEKHFKYLRGNLKEYRNMG
GRGVIATIVHEAWNHQSYDSDPSMIKWRKNSYGTFEFDYSHFDKWIQLNIDLGILDPEKGFGQIKCYSIVPWNNRIQYFN
EATNKEEAINPTPGSDLWINIWTQFLTSFMSHLEEKGWFNITYISMDERSMDDLKACVDLIENITNNSYEHFKISSAMDY
ESGNDYSFLDRIDDISIGLSHINHNSDDMKNMATHRQELGLLTTIYTCTGDYPSSFTISDPSEGAFTIWYSLYQNTNGFL
RWSWDGWVENPLENVSYKYWEPGDPFLIYPAEKDSIGKTFYSTPRLEKLKEGIRDINKAKYLMEKAPNLKNSIENLIYSL
KRPNKGENAYGSAVAASKEDRDLTISEANRIKNGINNFAREFISLTMETL
;
_entity_poly.pdbx_strand_id   A,B
#
loop_
_chem_comp.id
_chem_comp.type
_chem_comp.name
_chem_comp.formula
FMT non-polymer 'FORMIC ACID' 'C H2 O2'
NGA D-saccharide, beta linking 2-acetamido-2-deoxy-beta-D-galactopyranose 'C8 H15 N O6'
#
# COMPACT_ATOMS: atom_id res chain seq x y z
N THR A 28 -44.87 -14.61 -5.11
CA THR A 28 -45.82 -14.19 -4.02
C THR A 28 -45.50 -12.81 -3.43
N THR A 29 -46.28 -12.38 -2.43
CA THR A 29 -46.15 -10.99 -1.95
C THR A 29 -44.83 -10.73 -1.24
N LEU A 30 -44.51 -11.60 -0.28
CA LEU A 30 -43.29 -11.51 0.54
C LEU A 30 -42.65 -12.88 0.62
N GLY A 31 -41.43 -12.99 0.13
CA GLY A 31 -40.62 -14.17 0.32
C GLY A 31 -39.75 -13.99 1.54
N ALA A 32 -39.31 -15.10 2.10
CA ALA A 32 -38.42 -15.07 3.24
C ALA A 32 -37.59 -16.33 3.40
N SER A 33 -36.36 -16.18 3.94
CA SER A 33 -35.43 -17.28 4.18
C SER A 33 -34.43 -16.85 5.23
N ILE A 34 -34.01 -17.81 6.02
CA ILE A 34 -32.84 -17.60 6.85
C ILE A 34 -31.66 -17.33 5.92
N GLY A 35 -30.81 -16.38 6.35
CA GLY A 35 -29.58 -16.07 5.66
C GLY A 35 -28.37 -16.01 6.59
N SER A 36 -27.19 -15.90 6.00
CA SER A 36 -25.93 -15.80 6.75
C SER A 36 -25.77 -14.37 7.30
N THR A 37 -25.19 -14.26 8.48
CA THR A 37 -24.66 -12.99 8.95
C THR A 37 -23.27 -12.66 8.38
N ASP A 38 -22.63 -13.60 7.69
CA ASP A 38 -21.26 -13.45 7.22
C ASP A 38 -21.02 -12.54 6.05
N PHE A 39 -22.04 -12.30 5.23
CA PHE A 39 -21.99 -11.37 4.09
C PHE A 39 -23.31 -10.66 3.94
N HIS A 40 -23.30 -9.54 3.20
CA HIS A 40 -24.47 -8.75 2.96
C HIS A 40 -25.38 -9.35 1.88
N TYR A 41 -26.68 -9.17 2.02
CA TYR A 41 -27.66 -9.44 0.99
C TYR A 41 -27.94 -8.07 0.43
N LEU A 42 -27.46 -7.84 -0.80
CA LEU A 42 -27.50 -6.58 -1.51
C LEU A 42 -28.63 -6.55 -2.57
N GLN A 43 -29.19 -5.34 -2.85
CA GLN A 43 -30.28 -5.16 -3.86
C GLN A 43 -29.90 -5.70 -5.23
N LYS A 44 -28.65 -5.49 -5.62
CA LYS A 44 -28.18 -5.98 -6.95
C LYS A 44 -28.27 -7.49 -7.10
N ASP A 45 -28.33 -8.25 -6.00
CA ASP A 45 -28.41 -9.70 -6.06
C ASP A 45 -29.79 -10.28 -5.90
N TYR A 46 -30.77 -9.39 -6.05
CA TYR A 46 -32.21 -9.70 -5.90
C TYR A 46 -32.62 -11.01 -6.52
N ASP A 47 -32.29 -11.25 -7.78
CA ASP A 47 -32.83 -12.45 -8.47
C ASP A 47 -32.25 -13.74 -7.88
N GLU A 48 -31.04 -13.70 -7.39
CA GLU A 48 -30.47 -14.92 -6.78
C GLU A 48 -31.00 -15.06 -5.36
N ILE A 49 -31.13 -13.95 -4.66
CA ILE A 49 -31.67 -13.98 -3.30
C ILE A 49 -33.04 -14.64 -3.26
N LYS A 50 -33.89 -14.30 -4.22
CA LYS A 50 -35.24 -14.87 -4.31
C LYS A 50 -35.30 -16.38 -4.42
N LYS A 51 -34.19 -17.05 -4.74
CA LYS A 51 -34.18 -18.50 -4.78
C LYS A 51 -33.90 -19.18 -3.44
N LEU A 52 -33.62 -18.38 -2.44
CA LEU A 52 -33.28 -18.92 -1.15
C LEU A 52 -34.47 -19.60 -0.49
N ASN A 53 -34.19 -20.65 0.23
CA ASN A 53 -35.24 -21.33 0.93
C ASN A 53 -34.70 -22.14 2.12
N LEU A 54 -34.15 -21.46 3.10
CA LEU A 54 -33.61 -22.13 4.28
C LEU A 54 -34.58 -21.85 5.41
N ASN A 55 -35.09 -22.89 6.01
CA ASN A 55 -36.10 -22.79 7.04
C ASN A 55 -35.71 -23.24 8.44
N THR A 56 -34.46 -23.65 8.59
N THR A 56 -34.49 -23.75 8.58
CA THR A 56 -33.94 -24.11 9.89
CA THR A 56 -33.94 -24.12 9.91
C THR A 56 -32.55 -23.52 10.15
C THR A 56 -32.56 -23.50 10.16
N TRP A 57 -32.25 -23.33 11.43
CA TRP A 57 -30.97 -22.79 11.88
C TRP A 57 -30.59 -23.45 13.17
N ASN A 58 -29.30 -23.70 13.30
CA ASN A 58 -28.73 -24.26 14.47
C ASN A 58 -27.29 -23.73 14.74
N GLU A 59 -26.90 -23.64 16.00
CA GLU A 59 -25.60 -23.16 16.39
C GLU A 59 -25.32 -23.61 17.80
N VAL A 60 -24.05 -23.57 18.20
CA VAL A 60 -23.59 -23.98 19.47
C VAL A 60 -23.10 -22.73 20.21
N ALA A 61 -23.41 -22.65 21.50
CA ALA A 61 -23.08 -21.51 22.34
C ALA A 61 -22.61 -22.02 23.66
N TRP A 62 -21.77 -21.23 24.34
CA TRP A 62 -21.52 -21.41 25.75
C TRP A 62 -22.56 -20.70 26.64
N ILE A 63 -22.60 -21.07 27.92
CA ILE A 63 -23.34 -20.24 28.93
C ILE A 63 -22.81 -18.78 28.92
N GLY A 64 -23.72 -17.81 28.84
CA GLY A 64 -23.26 -16.43 28.76
C GLY A 64 -22.68 -15.95 27.45
N ASP A 65 -22.87 -16.71 26.38
CA ASP A 65 -22.41 -16.37 25.06
C ASP A 65 -23.51 -15.57 24.32
N GLU A 66 -23.24 -15.17 23.07
CA GLU A 66 -24.28 -14.60 22.17
C GLU A 66 -24.16 -15.21 20.83
N LEU A 67 -25.31 -15.32 20.18
CA LEU A 67 -25.39 -15.82 18.82
C LEU A 67 -26.10 -14.78 17.95
N ASN A 68 -25.79 -14.80 16.67
CA ASN A 68 -26.50 -13.94 15.74
C ASN A 68 -26.98 -14.70 14.55
N SER A 69 -28.10 -14.25 14.00
CA SER A 69 -28.63 -14.85 12.79
C SER A 69 -29.31 -13.77 11.97
N LYS A 70 -29.92 -14.16 10.88
CA LYS A 70 -30.50 -13.18 10.00
C LYS A 70 -31.66 -13.81 9.24
N ILE A 71 -32.70 -13.05 9.02
CA ILE A 71 -33.75 -13.46 8.09
C ILE A 71 -33.70 -12.49 6.93
N VAL A 72 -33.63 -13.03 5.71
CA VAL A 72 -33.66 -12.21 4.48
C VAL A 72 -35.05 -12.36 3.82
N MET A 73 -35.63 -11.20 3.46
CA MET A 73 -36.95 -11.11 2.87
C MET A 73 -36.89 -10.37 1.55
N TRP A 74 -37.94 -10.55 0.77
CA TRP A 74 -38.08 -9.89 -0.53
C TRP A 74 -39.55 -9.74 -0.93
N THR A 75 -39.78 -8.65 -1.65
CA THR A 75 -41.05 -8.36 -2.26
C THR A 75 -40.94 -8.64 -3.73
N ASN A 76 -42.10 -8.82 -4.34
CA ASN A 76 -42.22 -8.87 -5.80
C ASN A 76 -42.92 -7.60 -6.26
N SER A 77 -43.90 -7.67 -7.14
CA SER A 77 -44.43 -6.43 -7.74
C SER A 77 -45.27 -5.57 -6.82
N SER A 78 -45.63 -6.02 -5.61
CA SER A 78 -46.38 -5.20 -4.69
C SER A 78 -45.53 -4.80 -3.50
N PRO A 79 -45.73 -3.58 -2.97
CA PRO A 79 -45.21 -3.25 -1.65
C PRO A 79 -45.94 -4.08 -0.59
N VAL A 80 -45.27 -4.31 0.52
CA VAL A 80 -45.81 -5.10 1.59
C VAL A 80 -45.57 -4.27 2.83
N ASN A 81 -46.58 -4.20 3.69
CA ASN A 81 -46.61 -3.28 4.82
C ASN A 81 -46.62 -4.01 6.12
N ASN A 82 -46.09 -3.37 7.17
CA ASN A 82 -46.22 -3.86 8.53
C ASN A 82 -45.59 -5.26 8.68
N VAL A 83 -44.39 -5.43 8.11
CA VAL A 83 -43.66 -6.68 8.22
C VAL A 83 -43.04 -6.72 9.59
N THR A 84 -43.29 -7.79 10.31
CA THR A 84 -42.86 -7.90 11.71
C THR A 84 -42.34 -9.27 11.95
N LEU A 85 -41.34 -9.36 12.82
CA LEU A 85 -40.77 -10.67 13.24
C LEU A 85 -40.92 -10.78 14.74
N SER A 86 -41.22 -11.96 15.24
CA SER A 86 -41.30 -12.17 16.66
C SER A 86 -40.68 -13.55 16.97
N SER A 87 -39.97 -13.64 18.10
CA SER A 87 -39.40 -14.89 18.55
C SER A 87 -40.29 -15.50 19.61
N SER A 88 -40.35 -16.82 19.68
CA SER A 88 -40.86 -17.51 20.87
C SER A 88 -39.80 -17.47 21.99
N ASP A 89 -40.22 -17.96 23.15
CA ASP A 89 -39.34 -18.44 24.18
C ASP A 89 -38.60 -19.64 23.61
N PHE A 90 -37.39 -19.88 24.14
CA PHE A 90 -36.62 -21.09 23.81
C PHE A 90 -36.59 -22.04 25.01
N ILE A 91 -36.77 -23.33 24.76
CA ILE A 91 -36.97 -24.29 25.83
C ILE A 91 -36.14 -25.52 25.52
N ASN A 92 -35.41 -26.00 26.53
CA ASN A 92 -34.59 -27.22 26.36
C ASN A 92 -35.39 -28.47 26.68
N GLU A 93 -34.69 -29.60 26.63
CA GLU A 93 -35.22 -30.92 26.83
C GLU A 93 -35.69 -31.15 28.29
N ASN A 94 -35.30 -30.31 29.23
CA ASN A 94 -35.80 -30.39 30.60
C ASN A 94 -36.80 -29.34 30.96
N GLY A 95 -37.29 -28.62 29.97
CA GLY A 95 -38.18 -27.52 30.22
C GLY A 95 -37.50 -26.25 30.66
N ASP A 96 -36.16 -26.18 30.73
CA ASP A 96 -35.51 -24.94 31.06
C ASP A 96 -35.73 -23.86 29.98
N LEU A 97 -35.95 -22.62 30.41
CA LEU A 97 -36.40 -21.55 29.56
C LEU A 97 -35.33 -20.45 29.40
N ILE A 98 -35.12 -20.02 28.16
CA ILE A 98 -34.40 -18.79 27.83
C ILE A 98 -35.47 -17.93 27.16
N SER A 99 -35.92 -16.93 27.92
CA SER A 99 -36.99 -16.01 27.57
C SER A 99 -36.68 -15.33 26.24
N SER A 100 -37.73 -15.07 25.48
CA SER A 100 -37.68 -14.08 24.40
C SER A 100 -37.17 -12.73 24.78
N ASN A 101 -37.21 -12.37 26.05
CA ASN A 101 -36.48 -11.18 26.53
C ASN A 101 -35.04 -11.11 26.05
N ASN A 102 -34.40 -12.26 25.85
CA ASN A 102 -33.00 -12.26 25.50
C ASN A 102 -32.77 -12.22 23.97
N ILE A 103 -33.85 -12.15 23.18
CA ILE A 103 -33.79 -12.18 21.72
C ILE A 103 -34.16 -10.78 21.22
N LYS A 104 -33.29 -10.10 20.51
CA LYS A 104 -33.63 -8.80 19.90
C LYS A 104 -33.53 -8.95 18.38
N ILE A 105 -34.63 -8.58 17.68
CA ILE A 105 -34.71 -8.63 16.25
C ILE A 105 -34.78 -7.22 15.67
N SER A 106 -33.78 -6.86 14.88
CA SER A 106 -33.59 -5.49 14.42
C SER A 106 -33.46 -5.47 12.91
N TRP A 107 -34.24 -4.60 12.30
CA TRP A 107 -34.05 -4.32 10.87
C TRP A 107 -32.64 -3.80 10.58
N LEU A 108 -32.09 -4.34 9.50
CA LEU A 108 -30.87 -3.80 8.88
C LEU A 108 -31.32 -2.67 8.01
N LYS A 109 -30.74 -1.50 8.20
CA LYS A 109 -30.97 -0.33 7.38
C LYS A 109 -29.78 -0.16 6.40
N GLU A 110 -30.09 0.26 5.18
CA GLU A 110 -29.11 0.52 4.16
C GLU A 110 -28.73 2.00 4.16
N THR A 111 -27.49 2.26 3.79
CA THR A 111 -26.99 3.59 3.55
C THR A 111 -26.18 3.50 2.23
N LEU A 112 -25.97 4.63 1.60
CA LEU A 112 -25.19 4.72 0.35
C LEU A 112 -23.69 4.76 0.68
N ALA A 113 -22.91 4.11 -0.17
CA ALA A 113 -21.44 4.11 -0.07
C ALA A 113 -20.90 4.18 -1.45
N ASN A 114 -20.10 5.24 -1.70
CA ASN A 114 -19.09 5.25 -2.79
C ASN A 114 -18.20 4.03 -2.61
N ILE A 115 -18.10 3.19 -3.65
CA ILE A 115 -17.49 1.90 -3.47
C ILE A 115 -15.99 1.97 -3.66
N GLY A 116 -15.46 3.16 -4.00
CA GLY A 116 -14.01 3.33 -4.16
C GLY A 116 -13.23 3.88 -2.99
N ARG A 117 -11.98 4.24 -3.26
CA ARG A 117 -11.06 4.80 -2.28
C ARG A 117 -10.50 6.04 -2.95
N SER A 118 -10.77 7.23 -2.40
CA SER A 118 -10.25 8.52 -2.96
C SER A 118 -10.65 8.65 -4.41
N ASN A 119 -11.88 8.28 -4.74
CA ASN A 119 -12.35 8.25 -6.09
C ASN A 119 -13.79 8.81 -6.18
N PRO A 120 -13.90 10.12 -6.47
CA PRO A 120 -15.15 10.82 -6.56
C PRO A 120 -16.11 10.29 -7.60
N SER A 121 -15.63 9.59 -8.63
CA SER A 121 -16.54 9.13 -9.64
C SER A 121 -16.90 7.68 -9.45
N ALA A 122 -16.45 7.01 -8.38
CA ALA A 122 -16.93 5.62 -8.18
C ALA A 122 -18.46 5.60 -7.94
N PRO A 123 -19.12 4.50 -8.28
CA PRO A 123 -20.54 4.50 -8.00
C PRO A 123 -20.90 4.43 -6.49
N LEU A 124 -22.11 4.89 -6.20
CA LEU A 124 -22.76 4.84 -4.93
C LEU A 124 -23.71 3.68 -4.99
N GLU A 125 -23.58 2.77 -4.05
CA GLU A 125 -24.50 1.69 -3.93
C GLU A 125 -24.96 1.59 -2.46
N PRO A 126 -26.12 0.96 -2.26
CA PRO A 126 -26.65 0.74 -0.95
C PRO A 126 -26.08 -0.50 -0.26
N PHE A 127 -25.81 -0.36 1.05
CA PHE A 127 -25.30 -1.47 1.85
C PHE A 127 -26.04 -1.59 3.18
N PRO A 128 -26.48 -2.83 3.54
CA PRO A 128 -27.17 -3.07 4.83
C PRO A 128 -26.19 -3.11 6.02
N ASP A 129 -25.57 -1.98 6.34
CA ASP A 129 -24.43 -1.84 7.31
C ASP A 129 -24.88 -1.47 8.73
N ILE A 130 -26.17 -1.17 8.91
CA ILE A 130 -26.68 -0.57 10.14
C ILE A 130 -27.65 -1.52 10.84
N ILE A 131 -27.34 -1.91 12.06
CA ILE A 131 -28.31 -2.70 12.84
C ILE A 131 -29.25 -1.70 13.48
N HIS A 132 -30.45 -1.61 12.95
CA HIS A 132 -31.33 -0.43 13.19
C HIS A 132 -32.36 -0.82 14.19
N ASN A 133 -33.64 -0.54 13.98
CA ASN A 133 -34.55 -0.78 15.06
C ASN A 133 -35.45 -2.01 14.90
N SER A 134 -36.07 -2.35 16.03
CA SER A 134 -37.08 -3.37 16.13
C SER A 134 -38.41 -2.87 15.67
N GLY A 135 -39.37 -3.76 15.48
CA GLY A 135 -40.70 -3.28 15.08
C GLY A 135 -41.01 -3.57 13.61
N SER A 136 -41.96 -2.83 13.06
N SER A 136 -41.96 -2.81 13.07
CA SER A 136 -42.52 -3.13 11.75
CA SER A 136 -42.52 -3.04 11.76
C SER A 136 -41.93 -2.27 10.65
C SER A 136 -41.77 -2.30 10.68
N LEU A 137 -41.77 -2.86 9.47
CA LEU A 137 -41.22 -2.14 8.29
C LEU A 137 -42.22 -2.28 7.15
N ASN A 138 -42.35 -1.22 6.37
CA ASN A 138 -43.02 -1.24 5.07
C ASN A 138 -41.97 -1.34 3.98
N ILE A 139 -42.13 -2.26 3.04
CA ILE A 139 -41.11 -2.58 2.10
C ILE A 139 -41.65 -2.28 0.72
N GLU A 140 -40.95 -1.48 -0.08
CA GLU A 140 -41.36 -1.18 -1.43
C GLU A 140 -41.28 -2.42 -2.33
N LYS A 141 -41.80 -2.27 -3.55
CA LYS A 141 -41.80 -3.32 -4.53
C LYS A 141 -40.37 -3.68 -4.96
N ASN A 142 -40.20 -4.93 -5.34
CA ASN A 142 -38.92 -5.47 -5.85
C ASN A 142 -37.68 -5.10 -5.01
N LYS A 143 -37.78 -5.38 -3.71
CA LYS A 143 -36.70 -5.03 -2.78
C LYS A 143 -36.29 -6.20 -1.95
N ILE A 144 -35.03 -6.13 -1.49
CA ILE A 144 -34.55 -7.00 -0.43
C ILE A 144 -34.60 -6.21 0.88
N ALA A 145 -34.95 -6.91 1.96
CA ALA A 145 -34.75 -6.36 3.29
C ALA A 145 -34.47 -7.52 4.21
N SER A 146 -33.56 -7.32 5.16
CA SER A 146 -33.14 -8.39 6.10
C SER A 146 -33.29 -7.87 7.49
N ALA A 147 -33.45 -8.79 8.43
CA ALA A 147 -33.52 -8.46 9.83
C ALA A 147 -32.47 -9.30 10.58
N TRP A 148 -31.73 -8.60 11.45
CA TRP A 148 -30.67 -9.18 12.29
C TRP A 148 -31.32 -9.76 13.55
N ILE A 149 -30.88 -10.95 13.96
CA ILE A 149 -31.36 -11.61 15.13
C ILE A 149 -30.20 -11.79 16.11
N ASN A 150 -30.33 -11.22 17.30
CA ASN A 150 -29.35 -11.38 18.38
C ASN A 150 -29.93 -12.22 19.51
N ILE A 151 -29.21 -13.29 19.92
CA ILE A 151 -29.65 -14.17 21.00
C ILE A 151 -28.59 -14.12 22.08
N LYS A 152 -28.94 -13.56 23.25
CA LYS A 152 -28.04 -13.52 24.40
C LYS A 152 -28.38 -14.65 25.29
N ILE A 153 -27.40 -15.50 25.53
CA ILE A 153 -27.53 -16.63 26.42
C ILE A 153 -27.25 -16.14 27.83
N PRO A 154 -28.22 -16.29 28.77
CA PRO A 154 -27.98 -15.89 30.13
C PRO A 154 -26.77 -16.57 30.75
N ARG A 155 -26.12 -15.84 31.67
CA ARG A 155 -24.93 -16.33 32.35
C ARG A 155 -25.25 -17.43 33.37
N ASN A 156 -26.53 -17.64 33.71
CA ASN A 156 -26.90 -18.78 34.51
C ASN A 156 -27.81 -19.77 33.78
N ALA A 157 -27.77 -19.75 32.46
CA ALA A 157 -28.59 -20.65 31.65
C ALA A 157 -28.12 -22.08 31.88
N LYS A 158 -29.06 -23.00 31.78
CA LYS A 158 -28.77 -24.41 31.85
C LYS A 158 -28.28 -24.93 30.50
N PRO A 159 -27.38 -25.91 30.52
CA PRO A 159 -26.99 -26.59 29.29
C PRO A 159 -28.13 -27.33 28.65
N GLY A 160 -27.99 -27.60 27.35
CA GLY A 160 -28.94 -28.45 26.61
C GLY A 160 -29.17 -27.94 25.22
N ILE A 161 -30.10 -28.60 24.52
CA ILE A 161 -30.52 -28.22 23.20
C ILE A 161 -31.80 -27.43 23.41
N TYR A 162 -31.80 -26.14 23.04
CA TYR A 162 -32.99 -25.29 23.09
C TYR A 162 -33.67 -25.12 21.76
N ASN A 163 -34.99 -25.25 21.76
CA ASN A 163 -35.79 -25.03 20.55
C ASN A 163 -36.73 -23.83 20.68
N GLY A 164 -36.92 -23.14 19.56
CA GLY A 164 -37.91 -22.11 19.50
C GLY A 164 -38.18 -21.74 18.08
N SER A 165 -38.97 -20.70 17.88
CA SER A 165 -39.26 -20.30 16.51
C SER A 165 -39.28 -18.82 16.33
N ILE A 166 -39.09 -18.40 15.09
CA ILE A 166 -39.21 -17.00 14.71
C ILE A 166 -40.23 -16.91 13.62
N GLU A 167 -41.14 -15.97 13.81
CA GLU A 167 -42.35 -15.89 13.00
C GLU A 167 -42.37 -14.57 12.24
N VAL A 168 -42.54 -14.60 10.93
CA VAL A 168 -42.65 -13.41 10.11
C VAL A 168 -44.11 -13.25 9.64
N THR A 169 -44.74 -12.12 9.96
CA THR A 169 -46.08 -11.81 9.49
C THR A 169 -46.03 -10.50 8.72
N ALA A 170 -47.09 -10.21 7.99
CA ALA A 170 -47.21 -8.92 7.33
C ALA A 170 -48.68 -8.74 6.92
N ASP A 171 -49.08 -7.54 6.55
CA ASP A 171 -50.48 -7.30 6.20
C ASP A 171 -50.89 -8.04 4.95
N GLU A 172 -50.07 -7.96 3.91
CA GLU A 172 -50.33 -8.58 2.60
C GLU A 172 -49.77 -9.98 2.47
N LEU A 173 -49.83 -10.73 3.54
CA LEU A 173 -49.26 -12.03 3.59
C LEU A 173 -50.28 -12.87 4.31
N GLU A 174 -50.74 -13.88 3.63
CA GLU A 174 -51.83 -14.70 4.10
C GLU A 174 -51.33 -15.66 5.17
N LYS A 175 -50.33 -16.47 4.79
CA LYS A 175 -49.71 -17.49 5.62
C LYS A 175 -48.40 -16.86 6.20
N SER A 176 -48.34 -16.71 7.52
CA SER A 176 -47.09 -16.34 8.16
C SER A 176 -45.98 -17.40 7.96
N TYR A 177 -44.74 -16.94 8.01
CA TYR A 177 -43.57 -17.84 7.98
C TYR A 177 -43.13 -18.18 9.39
N THR A 178 -42.77 -19.43 9.62
CA THR A 178 -42.24 -19.86 10.93
C THR A 178 -40.89 -20.46 10.63
N PHE A 179 -39.84 -19.93 11.24
CA PHE A 179 -38.50 -20.45 11.04
C PHE A 179 -38.12 -21.18 12.30
N ASP A 180 -37.69 -22.45 12.15
CA ASP A 180 -37.27 -23.29 13.28
C ASP A 180 -35.85 -23.04 13.71
N TYR A 181 -35.68 -22.59 14.97
CA TYR A 181 -34.42 -22.22 15.51
C TYR A 181 -34.06 -23.18 16.65
N SER A 182 -32.82 -23.63 16.69
CA SER A 182 -32.33 -24.37 17.83
C SER A 182 -30.90 -23.98 18.08
N PHE A 183 -30.45 -24.13 19.33
CA PHE A 183 -29.04 -24.00 19.63
C PHE A 183 -28.73 -24.86 20.82
N GLU A 184 -27.50 -25.30 20.88
CA GLU A 184 -27.01 -26.08 21.98
C GLU A 184 -26.23 -25.14 22.87
N VAL A 185 -26.57 -25.13 24.15
CA VAL A 185 -25.77 -24.49 25.17
C VAL A 185 -24.85 -25.52 25.79
N LEU A 186 -23.55 -25.34 25.69
CA LEU A 186 -22.54 -26.27 26.26
C LEU A 186 -22.36 -25.87 27.70
N ASN A 187 -22.05 -26.83 28.59
CA ASN A 187 -21.87 -26.53 30.03
C ASN A 187 -20.52 -25.96 30.43
N LEU A 188 -20.13 -24.88 29.75
CA LEU A 188 -18.97 -24.07 30.06
C LEU A 188 -19.43 -22.62 30.02
N VAL A 189 -18.82 -21.78 30.86
CA VAL A 189 -19.20 -20.40 31.02
C VAL A 189 -18.31 -19.45 30.21
N GLN A 190 -18.94 -18.70 29.28
CA GLN A 190 -18.21 -17.65 28.56
C GLN A 190 -17.49 -16.71 29.55
N PRO A 191 -16.18 -16.56 29.41
CA PRO A 191 -15.48 -15.63 30.33
C PRO A 191 -15.97 -14.19 30.26
N LEU A 192 -15.98 -13.50 31.38
CA LEU A 192 -16.14 -12.05 31.38
C LEU A 192 -14.88 -11.42 30.81
N PRO A 193 -15.01 -10.27 30.13
CA PRO A 193 -13.84 -9.55 29.60
C PRO A 193 -12.72 -9.38 30.63
N SER A 194 -13.07 -9.02 31.84
CA SER A 194 -12.08 -8.79 32.86
C SER A 194 -11.39 -10.09 33.30
N GLU A 195 -11.96 -11.25 32.95
CA GLU A 195 -11.35 -12.55 33.27
C GLU A 195 -10.49 -13.01 32.15
N THR A 196 -10.30 -12.22 31.10
CA THR A 196 -9.47 -12.66 29.94
C THR A 196 -8.22 -11.81 29.88
N ASN A 197 -7.29 -12.20 29.01
CA ASN A 197 -6.18 -11.34 28.74
C ASN A 197 -6.21 -10.75 27.31
N THR A 198 -7.40 -10.66 26.73
CA THR A 198 -7.53 -10.06 25.43
C THR A 198 -7.44 -8.51 25.50
N GLN A 199 -6.58 -7.98 24.64
CA GLN A 199 -6.41 -6.57 24.45
C GLN A 199 -7.20 -6.08 23.25
N ILE A 200 -8.07 -5.11 23.48
CA ILE A 200 -8.85 -4.48 22.45
C ILE A 200 -8.67 -2.96 22.61
N GLU A 201 -8.41 -2.27 21.52
CA GLU A 201 -8.26 -0.80 21.50
C GLU A 201 -8.89 -0.21 20.26
N PHE A 202 -9.99 0.52 20.44
CA PHE A 202 -10.63 1.27 19.36
C PHE A 202 -10.60 2.73 19.71
N TRP A 203 -10.11 3.55 18.77
CA TRP A 203 -9.98 4.97 19.03
C TRP A 203 -11.31 5.70 18.99
N GLN A 204 -11.63 6.35 20.12
CA GLN A 204 -12.86 7.12 20.27
C GLN A 204 -12.59 8.62 19.85
N HIS A 205 -13.63 9.30 19.36
CA HIS A 205 -13.55 10.72 18.91
C HIS A 205 -14.71 11.55 19.51
N PRO A 206 -14.61 11.86 20.78
CA PRO A 206 -15.69 12.47 21.51
C PRO A 206 -16.10 13.86 21.02
N TYR A 207 -15.21 14.59 20.37
CA TYR A 207 -15.60 15.86 19.73
C TYR A 207 -16.41 15.64 18.44
N THR A 208 -16.29 14.45 17.83
CA THR A 208 -17.13 14.08 16.72
C THR A 208 -18.56 13.82 17.19
N ILE A 209 -18.72 13.15 18.33
CA ILE A 209 -20.02 12.91 18.89
C ILE A 209 -20.63 14.30 19.22
N ALA A 210 -19.85 15.20 19.79
CA ALA A 210 -20.34 16.59 20.07
C ALA A 210 -20.82 17.27 18.81
N ARG A 211 -19.99 17.25 17.76
CA ARG A 211 -20.43 17.88 16.54
C ARG A 211 -21.80 17.33 16.03
N TYR A 212 -21.93 16.01 15.98
CA TYR A 212 -23.05 15.39 15.30
C TYR A 212 -24.30 15.71 16.08
N TYR A 213 -24.20 15.64 17.39
CA TYR A 213 -25.38 15.86 18.28
C TYR A 213 -25.60 17.34 18.72
N LYS A 214 -24.89 18.26 18.07
CA LYS A 214 -25.06 19.69 18.23
C LYS A 214 -24.76 20.14 19.63
N ILE A 215 -23.72 19.57 20.22
CA ILE A 215 -23.19 20.03 21.49
C ILE A 215 -22.26 21.21 21.24
N CYS A 216 -22.66 22.40 21.68
CA CYS A 216 -21.84 23.59 21.58
C CYS A 216 -20.58 23.53 22.48
N LYS A 217 -19.58 24.35 22.13
CA LYS A 217 -18.27 24.45 22.79
C LYS A 217 -18.41 24.48 24.32
N GLU A 218 -19.38 25.27 24.81
CA GLU A 218 -19.58 25.51 26.24
C GLU A 218 -19.96 24.23 26.95
N ASP A 219 -20.62 23.28 26.26
CA ASP A 219 -21.15 22.03 26.87
C ASP A 219 -20.24 20.80 26.69
N LEU A 220 -19.05 21.00 26.13
CA LEU A 220 -18.16 19.88 25.91
C LEU A 220 -17.80 19.32 27.25
N PHE A 221 -17.91 18.01 27.36
CA PHE A 221 -17.56 17.26 28.56
C PHE A 221 -18.37 17.67 29.79
N THR A 222 -19.59 18.13 29.56
CA THR A 222 -20.61 18.31 30.56
C THR A 222 -21.59 17.14 30.42
N GLU A 223 -22.51 17.04 31.35
CA GLU A 223 -23.46 15.96 31.33
C GLU A 223 -24.23 15.89 29.99
N LYS A 224 -24.49 17.03 29.38
CA LYS A 224 -25.17 17.06 28.12
C LYS A 224 -24.33 16.40 27.00
N HIS A 225 -23.02 16.49 27.06
CA HIS A 225 -22.15 15.71 26.16
C HIS A 225 -22.12 14.22 26.59
N PHE A 226 -21.99 13.97 27.89
CA PHE A 226 -21.87 12.59 28.38
C PHE A 226 -23.07 11.70 28.03
N LYS A 227 -24.29 12.23 28.09
CA LYS A 227 -25.48 11.50 27.62
C LYS A 227 -25.35 10.89 26.22
N TYR A 228 -24.59 11.51 25.33
CA TYR A 228 -24.44 10.97 23.98
C TYR A 228 -23.20 10.04 23.84
N LEU A 229 -22.33 10.03 24.86
CA LEU A 229 -21.12 9.15 24.98
C LEU A 229 -21.32 7.79 25.70
N ARG A 230 -22.09 7.78 26.79
CA ARG A 230 -22.13 6.64 27.72
C ARG A 230 -22.54 5.36 27.10
N GLY A 231 -23.61 5.38 26.31
CA GLY A 231 -24.11 4.18 25.62
C GLY A 231 -23.05 3.48 24.77
N ASN A 232 -22.39 4.25 23.88
CA ASN A 232 -21.42 3.68 22.98
C ASN A 232 -20.14 3.25 23.70
N LEU A 233 -19.78 3.93 24.77
CA LEU A 233 -18.67 3.48 25.60
C LEU A 233 -18.92 2.20 26.42
N LYS A 234 -20.15 2.06 26.91
CA LYS A 234 -20.53 0.78 27.57
C LYS A 234 -20.47 -0.36 26.55
N GLU A 235 -20.91 -0.05 25.35
CA GLU A 235 -20.87 -1.02 24.26
C GLU A 235 -19.41 -1.53 24.05
N TYR A 236 -18.51 -0.55 23.97
CA TYR A 236 -17.11 -0.78 23.85
C TYR A 236 -16.58 -1.62 25.03
N ARG A 237 -16.87 -1.18 26.24
CA ARG A 237 -16.45 -1.88 27.44
C ARG A 237 -16.90 -3.30 27.45
N ASN A 238 -18.18 -3.52 27.13
CA ASN A 238 -18.80 -4.85 27.35
C ASN A 238 -18.23 -5.89 26.38
N MET A 239 -17.74 -5.44 25.21
CA MET A 239 -17.10 -6.37 24.25
C MET A 239 -15.61 -6.59 24.47
N GLY A 240 -15.02 -5.87 25.41
CA GLY A 240 -13.63 -6.06 25.82
C GLY A 240 -12.74 -4.86 25.61
N GLY A 241 -13.27 -3.68 25.26
CA GLY A 241 -12.40 -2.49 25.05
C GLY A 241 -11.63 -2.17 26.32
N ARG A 242 -10.34 -1.94 26.17
CA ARG A 242 -9.41 -1.55 27.25
C ARG A 242 -8.64 -0.23 26.95
N GLY A 243 -8.24 0.01 25.72
CA GLY A 243 -7.56 1.28 25.35
C GLY A 243 -8.49 2.48 25.18
N VAL A 244 -8.09 3.57 25.80
CA VAL A 244 -8.74 4.85 25.67
C VAL A 244 -7.72 5.85 25.12
N ILE A 245 -7.97 6.36 23.92
CA ILE A 245 -7.09 7.35 23.34
C ILE A 245 -7.46 8.77 23.84
N ALA A 246 -6.43 9.61 23.96
CA ALA A 246 -6.61 11.05 24.28
C ALA A 246 -5.53 11.81 23.53
N THR A 247 -5.92 12.91 22.90
CA THR A 247 -4.99 13.70 22.13
C THR A 247 -4.28 14.64 23.06
N ILE A 248 -3.01 14.84 22.78
CA ILE A 248 -2.21 15.77 23.63
C ILE A 248 -1.66 17.02 22.93
N VAL A 249 -1.81 17.12 21.62
CA VAL A 249 -1.54 18.34 20.86
C VAL A 249 -2.67 18.56 19.92
N HIS A 250 -2.67 19.75 19.35
CA HIS A 250 -3.70 20.14 18.44
C HIS A 250 -3.56 19.39 17.11
N GLU A 251 -4.68 18.94 16.55
CA GLU A 251 -4.77 18.47 15.19
C GLU A 251 -3.68 17.48 14.86
N ALA A 252 -3.58 16.47 15.70
CA ALA A 252 -2.42 15.59 15.71
C ALA A 252 -2.32 14.72 14.47
N TRP A 253 -3.43 14.53 13.76
CA TRP A 253 -3.42 13.76 12.53
C TRP A 253 -3.69 14.67 11.32
N ASN A 254 -3.45 15.97 11.48
CA ASN A 254 -3.53 16.91 10.37
C ASN A 254 -4.89 16.89 9.71
N HIS A 255 -5.97 16.78 10.50
CA HIS A 255 -7.33 16.80 10.00
C HIS A 255 -7.61 15.71 8.92
N GLN A 256 -7.02 14.53 9.04
CA GLN A 256 -7.27 13.43 8.08
C GLN A 256 -8.78 13.09 8.06
N SER A 257 -9.47 13.28 9.21
CA SER A 257 -10.85 12.87 9.37
C SER A 257 -11.88 13.98 8.96
N TYR A 258 -13.15 13.61 8.83
CA TYR A 258 -14.17 14.59 8.51
C TYR A 258 -14.18 15.75 9.55
N ASP A 259 -14.11 15.41 10.83
CA ASP A 259 -14.06 16.38 11.96
C ASP A 259 -12.60 16.61 12.34
N SER A 260 -12.26 17.85 12.69
CA SER A 260 -10.95 18.16 13.26
CA SER A 260 -10.93 18.11 13.23
C SER A 260 -10.73 17.28 14.50
N ASP A 261 -9.48 17.04 14.87
CA ASP A 261 -9.16 16.48 16.17
C ASP A 261 -8.63 17.52 17.16
N PRO A 262 -9.50 18.07 18.06
CA PRO A 262 -9.00 19.03 19.04
C PRO A 262 -8.05 18.39 20.05
N SER A 263 -7.11 19.17 20.62
CA SER A 263 -6.29 18.64 21.71
C SER A 263 -7.11 18.62 23.00
N MET A 264 -7.05 17.54 23.78
CA MET A 264 -7.63 17.48 25.13
C MET A 264 -6.76 18.19 26.14
N ILE A 265 -5.52 18.53 25.78
CA ILE A 265 -4.62 19.35 26.57
C ILE A 265 -4.32 20.63 25.77
N LYS A 266 -4.79 21.80 26.22
CA LYS A 266 -4.52 23.07 25.54
C LYS A 266 -3.17 23.61 25.95
N TRP A 267 -2.38 23.99 24.98
CA TRP A 267 -1.00 24.40 25.21
C TRP A 267 -0.94 25.90 25.19
N ARG A 268 -0.10 26.47 26.04
CA ARG A 268 0.17 27.90 25.87
C ARG A 268 1.52 28.30 26.32
N LYS A 269 2.02 29.38 25.71
CA LYS A 269 3.33 29.88 26.02
C LYS A 269 3.17 31.24 26.75
N ASN A 270 3.82 31.33 27.90
CA ASN A 270 3.72 32.46 28.82
C ASN A 270 4.83 33.49 28.55
N SER A 271 4.68 34.64 29.22
CA SER A 271 5.62 35.77 29.09
C SER A 271 7.06 35.41 29.42
N TYR A 272 7.25 34.35 30.21
CA TYR A 272 8.60 33.91 30.50
C TYR A 272 9.13 33.00 29.44
N GLY A 273 8.35 32.72 28.38
CA GLY A 273 8.79 31.84 27.28
C GLY A 273 8.77 30.35 27.54
N THR A 274 8.05 29.92 28.57
CA THR A 274 7.93 28.48 28.91
C THR A 274 6.45 28.08 28.81
N PHE A 275 6.18 26.78 28.72
CA PHE A 275 4.80 26.35 28.35
C PHE A 275 3.95 25.95 29.56
N GLU A 276 2.65 26.14 29.39
CA GLU A 276 1.68 25.81 30.39
C GLU A 276 0.56 25.03 29.69
N PHE A 277 -0.10 24.16 30.45
CA PHE A 277 -0.98 23.13 29.93
C PHE A 277 -2.31 23.11 30.68
N ASP A 278 -3.41 23.22 29.95
CA ASP A 278 -4.73 23.10 30.52
C ASP A 278 -5.24 21.66 30.26
N TYR A 279 -5.37 20.85 31.32
CA TYR A 279 -5.79 19.46 31.27
C TYR A 279 -7.27 19.25 31.40
N SER A 280 -8.08 20.30 31.29
CA SER A 280 -9.48 20.22 31.63
C SER A 280 -10.24 19.12 30.92
N HIS A 281 -10.18 19.14 29.61
CA HIS A 281 -10.93 18.19 28.80
C HIS A 281 -10.37 16.77 28.98
N PHE A 282 -9.04 16.67 28.95
CA PHE A 282 -8.33 15.42 29.25
C PHE A 282 -8.91 14.81 30.53
N ASP A 283 -8.87 15.55 31.65
CA ASP A 283 -9.36 15.04 32.94
C ASP A 283 -10.83 14.57 32.95
N LYS A 284 -11.70 15.32 32.30
CA LYS A 284 -13.09 14.95 32.26
C LYS A 284 -13.28 13.71 31.40
N TRP A 285 -12.53 13.60 30.29
CA TRP A 285 -12.60 12.49 29.42
C TRP A 285 -12.17 11.20 30.15
N ILE A 286 -11.01 11.21 30.79
CA ILE A 286 -10.49 10.04 31.47
C ILE A 286 -11.39 9.69 32.64
N GLN A 287 -11.87 10.71 33.38
CA GLN A 287 -12.72 10.40 34.51
C GLN A 287 -13.96 9.69 34.08
N LEU A 288 -14.54 10.11 32.96
CA LEU A 288 -15.73 9.45 32.41
C LEU A 288 -15.48 7.97 32.18
N ASN A 289 -14.38 7.68 31.53
CA ASN A 289 -13.98 6.31 31.27
C ASN A 289 -13.68 5.49 32.54
N ILE A 290 -13.23 6.18 33.59
CA ILE A 290 -13.06 5.53 34.90
C ILE A 290 -14.45 5.23 35.50
N ASP A 291 -15.33 6.22 35.42
CA ASP A 291 -16.69 6.08 35.97
C ASP A 291 -17.41 4.95 35.25
N LEU A 292 -17.20 4.79 33.95
CA LEU A 292 -17.88 3.74 33.20
C LEU A 292 -17.29 2.33 33.42
N GLY A 293 -16.19 2.25 34.13
CA GLY A 293 -15.52 0.99 34.43
C GLY A 293 -14.60 0.51 33.34
N ILE A 294 -14.21 1.37 32.38
CA ILE A 294 -13.25 1.00 31.32
C ILE A 294 -11.78 1.04 31.83
N LEU A 295 -11.46 2.07 32.57
CA LEU A 295 -10.19 2.24 33.16
C LEU A 295 -10.31 2.06 34.70
N ASP A 296 -9.28 1.45 35.28
CA ASP A 296 -9.16 1.30 36.75
C ASP A 296 -7.69 1.55 37.08
N PRO A 297 -7.33 2.80 37.34
CA PRO A 297 -5.92 3.13 37.57
C PRO A 297 -5.31 2.47 38.84
N GLU A 298 -6.12 2.27 39.87
N GLU A 298 -6.09 2.27 39.90
CA GLU A 298 -5.65 1.69 41.10
CA GLU A 298 -5.52 1.66 41.11
C GLU A 298 -5.17 0.25 40.92
C GLU A 298 -5.09 0.23 40.85
N LYS A 299 -5.91 -0.57 40.17
CA LYS A 299 -5.51 -1.97 39.90
C LYS A 299 -4.69 -2.14 38.59
N GLY A 300 -4.49 -1.07 37.82
CA GLY A 300 -3.75 -1.15 36.57
C GLY A 300 -4.53 -1.81 35.48
N PHE A 301 -5.81 -1.50 35.35
CA PHE A 301 -6.64 -2.09 34.26
C PHE A 301 -6.91 -1.03 33.20
N GLY A 302 -6.76 -1.40 31.94
CA GLY A 302 -7.00 -0.48 30.82
C GLY A 302 -5.83 0.41 30.57
N GLN A 303 -5.87 1.16 29.48
CA GLN A 303 -4.75 2.08 29.13
C GLN A 303 -5.20 3.43 28.64
N ILE A 304 -4.43 4.46 28.96
CA ILE A 304 -4.63 5.83 28.43
C ILE A 304 -3.54 6.00 27.41
N LYS A 305 -3.91 6.10 26.14
CA LYS A 305 -2.99 6.28 25.06
C LYS A 305 -2.99 7.74 24.62
N CYS A 306 -1.82 8.39 24.75
CA CYS A 306 -1.67 9.86 24.60
C CYS A 306 -1.01 10.21 23.26
N TYR A 307 -1.81 10.68 22.34
CA TYR A 307 -1.43 10.78 20.93
C TYR A 307 -1.17 12.25 20.67
N SER A 308 0.05 12.68 20.43
CA SER A 308 1.24 11.89 20.27
C SER A 308 2.45 12.80 20.49
N ILE A 309 3.58 12.18 20.80
CA ILE A 309 4.86 12.86 20.89
C ILE A 309 5.47 13.06 19.49
N VAL A 310 4.93 12.33 18.50
CA VAL A 310 5.27 12.53 17.07
C VAL A 310 4.01 12.74 16.30
N PRO A 311 3.28 13.82 16.65
CA PRO A 311 2.11 14.16 15.90
C PRO A 311 2.51 14.54 14.46
N TRP A 312 1.55 14.73 13.58
CA TRP A 312 1.89 15.07 12.17
C TRP A 312 2.91 16.19 11.98
N ASN A 313 3.96 15.92 11.20
CA ASN A 313 5.04 16.87 10.92
C ASN A 313 5.69 17.56 12.15
N ASN A 314 5.60 16.87 13.28
CA ASN A 314 5.99 17.34 14.58
C ASN A 314 5.43 18.70 14.98
N ARG A 315 4.31 19.07 14.40
CA ARG A 315 3.76 20.39 14.56
C ARG A 315 2.99 20.54 15.91
N ILE A 316 3.39 21.55 16.70
CA ILE A 316 2.73 21.91 17.95
C ILE A 316 2.14 23.29 17.82
N GLN A 317 0.82 23.38 17.87
CA GLN A 317 0.14 24.65 17.88
C GLN A 317 -0.26 25.00 19.28
N TYR A 318 -0.11 26.27 19.63
CA TYR A 318 -0.18 26.76 21.02
C TYR A 318 -0.54 28.26 20.99
N PHE A 319 -1.12 28.74 22.09
CA PHE A 319 -1.47 30.16 22.23
C PHE A 319 -0.25 30.85 22.83
N ASN A 320 0.30 31.84 22.12
CA ASN A 320 1.41 32.61 22.65
C ASN A 320 0.86 33.84 23.37
N GLU A 321 1.05 33.87 24.69
CA GLU A 321 0.58 35.01 25.48
C GLU A 321 1.27 36.35 25.20
N ALA A 322 2.58 36.34 25.00
CA ALA A 322 3.31 37.57 24.66
C ALA A 322 2.78 38.31 23.43
N THR A 323 2.31 37.58 22.40
CA THR A 323 1.78 38.18 21.16
C THR A 323 0.28 38.12 21.05
N ASN A 324 -0.36 37.51 22.03
CA ASN A 324 -1.79 37.32 22.01
C ASN A 324 -2.40 36.63 20.76
N LYS A 325 -1.62 35.77 20.09
CA LYS A 325 -2.17 34.95 18.99
C LYS A 325 -1.70 33.47 19.04
N GLU A 326 -2.33 32.65 18.22
CA GLU A 326 -1.93 31.26 18.01
C GLU A 326 -0.60 31.28 17.27
N GLU A 327 0.34 30.49 17.73
CA GLU A 327 1.56 30.17 16.98
C GLU A 327 1.75 28.67 16.77
N ALA A 328 2.71 28.27 15.95
CA ALA A 328 3.02 26.85 15.77
C ALA A 328 4.47 26.67 15.46
N ILE A 329 5.05 25.58 15.98
CA ILE A 329 6.46 25.23 15.74
C ILE A 329 6.54 23.78 15.35
N ASN A 330 7.64 23.37 14.69
CA ASN A 330 7.82 22.01 14.13
C ASN A 330 9.20 21.48 14.46
N PRO A 331 9.57 21.45 15.73
CA PRO A 331 10.95 21.04 16.07
C PRO A 331 11.24 19.60 15.72
N THR A 332 12.44 19.34 15.23
CA THR A 332 12.88 18.02 14.82
C THR A 332 13.18 17.16 16.02
N PRO A 333 12.69 15.89 16.03
CA PRO A 333 12.94 15.03 17.19
C PRO A 333 14.43 14.82 17.45
N GLY A 334 14.83 15.05 18.69
CA GLY A 334 16.19 14.88 19.11
C GLY A 334 16.99 16.20 19.04
N SER A 335 16.44 17.26 18.45
CA SER A 335 17.05 18.61 18.58
C SER A 335 16.96 19.14 20.01
N ASP A 336 17.82 20.09 20.36
CA ASP A 336 17.83 20.73 21.67
C ASP A 336 16.49 21.39 21.97
N LEU A 337 15.89 22.03 20.98
CA LEU A 337 14.62 22.67 21.15
C LEU A 337 13.46 21.64 21.36
N TRP A 338 13.48 20.55 20.60
CA TRP A 338 12.47 19.51 20.76
C TRP A 338 12.58 18.94 22.17
N ILE A 339 13.78 18.55 22.53
CA ILE A 339 14.07 17.99 23.86
C ILE A 339 13.61 18.95 24.94
N ASN A 340 13.86 20.24 24.74
CA ASN A 340 13.40 21.23 25.70
C ASN A 340 11.86 21.30 25.92
N ILE A 341 11.15 21.48 24.83
CA ILE A 341 9.73 21.58 24.88
C ILE A 341 9.09 20.30 25.41
N TRP A 342 9.52 19.15 24.90
CA TRP A 342 8.91 17.88 25.29
C TRP A 342 9.28 17.44 26.69
N THR A 343 10.41 17.90 27.22
CA THR A 343 10.72 17.73 28.64
C THR A 343 9.73 18.51 29.49
N GLN A 344 9.46 19.76 29.10
CA GLN A 344 8.42 20.57 29.78
C GLN A 344 7.07 19.89 29.79
N PHE A 345 6.60 19.43 28.62
CA PHE A 345 5.38 18.68 28.58
C PHE A 345 5.38 17.42 29.47
N LEU A 346 6.39 16.56 29.30
CA LEU A 346 6.35 15.24 29.96
C LEU A 346 6.48 15.35 31.49
N THR A 347 7.30 16.30 31.96
CA THR A 347 7.48 16.57 33.39
CA THR A 347 7.46 16.49 33.41
C THR A 347 6.18 17.06 34.01
N SER A 348 5.56 18.04 33.35
N SER A 348 5.58 18.05 33.34
CA SER A 348 4.29 18.62 33.79
CA SER A 348 4.31 18.60 33.80
C SER A 348 3.17 17.57 33.76
C SER A 348 3.19 17.56 33.76
N PHE A 349 3.11 16.80 32.67
CA PHE A 349 2.08 15.75 32.51
C PHE A 349 2.20 14.66 33.57
N MET A 350 3.44 14.25 33.81
CA MET A 350 3.71 13.21 34.80
C MET A 350 3.23 13.69 36.19
N SER A 351 3.51 14.95 36.54
CA SER A 351 3.06 15.46 37.84
C SER A 351 1.58 15.47 37.98
N HIS A 352 0.94 16.04 36.97
CA HIS A 352 -0.52 16.08 36.90
C HIS A 352 -1.13 14.65 37.09
N LEU A 353 -0.59 13.70 36.35
CA LEU A 353 -1.09 12.33 36.42
C LEU A 353 -0.88 11.70 37.81
N GLU A 354 0.27 11.95 38.39
CA GLU A 354 0.52 11.47 39.72
C GLU A 354 -0.43 12.02 40.77
N GLU A 355 -0.77 13.30 40.63
CA GLU A 355 -1.78 13.88 41.50
C GLU A 355 -3.16 13.17 41.38
N LYS A 356 -3.53 12.79 40.15
CA LYS A 356 -4.78 12.14 39.91
C LYS A 356 -4.72 10.67 40.27
N GLY A 357 -3.54 10.06 40.33
CA GLY A 357 -3.44 8.61 40.55
C GLY A 357 -3.51 7.80 39.26
N TRP A 358 -3.29 8.45 38.10
CA TRP A 358 -3.47 7.85 36.75
C TRP A 358 -2.19 7.46 36.03
N PHE A 359 -1.04 7.73 36.64
CA PHE A 359 0.20 7.62 35.88
C PHE A 359 0.50 6.22 35.42
N ASN A 360 0.32 5.24 36.29
N ASN A 360 0.34 5.22 36.28
CA ASN A 360 0.68 3.86 36.00
CA ASN A 360 0.73 3.84 35.94
C ASN A 360 -0.05 3.23 34.77
C ASN A 360 -0.02 3.25 34.72
N ILE A 361 -1.21 3.75 34.39
CA ILE A 361 -1.91 3.25 33.19
C ILE A 361 -1.76 4.17 32.00
N THR A 362 -0.89 5.19 32.10
CA THR A 362 -0.73 6.14 31.01
C THR A 362 0.44 5.77 30.07
N TYR A 363 0.19 5.81 28.76
CA TYR A 363 1.22 5.52 27.76
C TYR A 363 1.37 6.71 26.84
N ILE A 364 2.58 7.03 26.46
CA ILE A 364 2.81 8.08 25.48
C ILE A 364 2.86 7.36 24.11
N SER A 365 1.99 7.75 23.19
CA SER A 365 1.92 7.11 21.86
C SER A 365 2.86 7.77 20.88
N MET A 366 3.64 6.94 20.18
CA MET A 366 4.37 7.40 18.97
C MET A 366 3.51 7.06 17.74
N ASP A 367 4.17 6.85 16.61
CA ASP A 367 3.49 6.40 15.41
C ASP A 367 4.60 5.86 14.48
N GLU A 368 4.20 5.39 13.30
CA GLU A 368 5.10 4.82 12.30
C GLU A 368 5.84 5.95 11.67
N ARG A 369 6.92 6.35 12.32
CA ARG A 369 7.77 7.46 11.85
C ARG A 369 9.16 6.96 11.53
N SER A 370 9.98 7.87 11.00
CA SER A 370 11.41 7.61 10.88
C SER A 370 11.92 6.96 12.16
N MET A 371 12.69 5.89 12.02
CA MET A 371 13.28 5.25 13.17
C MET A 371 14.21 6.23 13.94
N ASP A 372 14.78 7.27 13.29
CA ASP A 372 15.62 8.23 14.03
C ASP A 372 14.70 9.01 14.96
N ASP A 373 13.51 9.38 14.51
CA ASP A 373 12.55 10.10 15.36
C ASP A 373 12.10 9.23 16.53
N LEU A 374 11.81 7.97 16.30
CA LEU A 374 11.37 7.08 17.36
C LEU A 374 12.43 6.85 18.40
N LYS A 375 13.67 6.63 17.96
CA LYS A 375 14.80 6.59 18.87
C LYS A 375 14.90 7.85 19.76
N ALA A 376 14.75 9.03 19.18
CA ALA A 376 14.78 10.25 20.01
C ALA A 376 13.62 10.27 21.03
N CYS A 377 12.44 9.77 20.64
CA CYS A 377 11.30 9.68 21.57
C CYS A 377 11.57 8.76 22.76
N VAL A 378 12.04 7.54 22.49
CA VAL A 378 12.32 6.55 23.50
C VAL A 378 13.48 7.00 24.47
N ASP A 379 14.51 7.60 23.90
CA ASP A 379 15.64 8.17 24.67
C ASP A 379 15.10 9.21 25.66
N LEU A 380 14.29 10.14 25.17
CA LEU A 380 13.74 11.20 26.02
C LEU A 380 12.86 10.59 27.10
N ILE A 381 11.93 9.73 26.71
CA ILE A 381 10.98 9.18 27.65
C ILE A 381 11.64 8.42 28.80
N GLU A 382 12.65 7.61 28.47
CA GLU A 382 13.38 6.84 29.46
C GLU A 382 14.19 7.73 30.41
N ASN A 383 14.55 8.93 29.98
CA ASN A 383 15.21 9.91 30.85
C ASN A 383 14.34 10.52 31.92
N ILE A 384 13.01 10.43 31.84
CA ILE A 384 12.13 11.22 32.68
C ILE A 384 11.42 10.23 33.56
N THR A 385 11.84 10.22 34.82
CA THR A 385 11.32 9.31 35.82
C THR A 385 10.61 10.07 36.94
N ASN A 386 9.66 9.35 37.52
CA ASN A 386 9.05 9.78 38.76
C ASN A 386 9.89 9.31 39.99
N ASN A 387 9.36 9.57 41.18
CA ASN A 387 10.13 9.33 42.37
C ASN A 387 10.09 7.89 42.83
N SER A 388 9.31 7.06 42.13
CA SER A 388 9.45 5.60 42.19
C SER A 388 10.32 5.00 41.10
N TYR A 389 11.11 5.84 40.43
CA TYR A 389 12.01 5.38 39.37
C TYR A 389 11.36 4.79 38.09
N GLU A 390 10.08 5.14 37.85
N GLU A 390 10.09 5.12 37.83
CA GLU A 390 9.34 4.67 36.67
CA GLU A 390 9.38 4.65 36.65
C GLU A 390 9.26 5.79 35.61
C GLU A 390 9.25 5.78 35.61
N HIS A 391 9.51 5.43 34.35
CA HIS A 391 9.27 6.36 33.24
C HIS A 391 7.89 6.09 32.63
N PHE A 392 7.41 6.98 31.77
CA PHE A 392 6.12 6.74 31.08
C PHE A 392 6.20 5.42 30.30
N LYS A 393 5.14 4.63 30.35
CA LYS A 393 4.98 3.58 29.33
C LYS A 393 4.85 4.18 27.90
N ILE A 394 5.18 3.40 26.89
CA ILE A 394 5.27 3.85 25.51
C ILE A 394 4.37 2.94 24.67
N SER A 395 3.62 3.55 23.73
CA SER A 395 2.80 2.76 22.80
C SER A 395 3.10 3.18 21.35
N SER A 396 3.07 2.22 20.42
CA SER A 396 3.18 2.59 19.01
C SER A 396 2.68 1.57 18.02
N ALA A 397 2.01 2.08 17.00
CA ALA A 397 1.94 1.36 15.75
C ALA A 397 3.38 1.24 15.26
N MET A 398 3.76 0.06 14.80
CA MET A 398 5.12 -0.19 14.34
C MET A 398 5.11 -1.00 13.07
N ASP A 399 5.95 -0.58 12.13
N ASP A 399 5.89 -0.57 12.09
CA ASP A 399 6.22 -1.24 10.88
CA ASP A 399 6.07 -1.34 10.87
C ASP A 399 7.27 -2.32 11.07
C ASP A 399 7.21 -2.31 11.09
N TYR A 400 6.86 -3.49 11.61
CA TYR A 400 7.73 -4.69 11.79
C TYR A 400 7.30 -5.84 10.85
N GLU A 401 8.26 -6.40 10.12
CA GLU A 401 8.02 -7.45 9.09
C GLU A 401 8.93 -8.68 9.23
N SER A 402 10.18 -8.48 9.66
CA SER A 402 11.09 -9.60 9.87
C SER A 402 12.26 -9.29 10.81
N GLY A 403 12.95 -10.37 11.15
CA GLY A 403 14.18 -10.28 11.86
C GLY A 403 13.87 -10.50 13.30
N ASN A 404 14.85 -11.00 14.03
CA ASN A 404 14.65 -11.22 15.44
C ASN A 404 15.45 -10.26 16.31
N ASP A 405 15.79 -9.10 15.76
CA ASP A 405 16.36 -8.04 16.58
C ASP A 405 15.21 -7.33 17.28
N TYR A 406 15.02 -7.63 18.55
CA TYR A 406 13.96 -7.06 19.36
C TYR A 406 14.47 -5.96 20.28
N SER A 407 15.70 -5.49 20.06
CA SER A 407 16.35 -4.58 21.05
C SER A 407 15.61 -3.22 21.19
N PHE A 408 15.11 -2.68 20.09
CA PHE A 408 14.35 -1.43 20.19
C PHE A 408 12.89 -1.72 20.51
N LEU A 409 12.29 -2.74 19.87
CA LEU A 409 10.88 -3.05 20.15
C LEU A 409 10.65 -3.37 21.64
N ASP A 410 11.65 -3.99 22.30
CA ASP A 410 11.47 -4.36 23.70
C ASP A 410 11.38 -3.10 24.58
N ARG A 411 11.73 -1.94 24.06
CA ARG A 411 11.67 -0.69 24.82
C ARG A 411 10.27 0.00 24.78
N ILE A 412 9.33 -0.59 24.04
CA ILE A 412 7.99 -0.07 23.81
C ILE A 412 7.02 -1.08 24.41
N ASP A 413 6.17 -0.62 25.30
CA ASP A 413 5.28 -1.44 26.10
C ASP A 413 4.10 -2.08 25.32
N ASP A 414 3.62 -1.35 24.33
CA ASP A 414 2.48 -1.81 23.51
C ASP A 414 2.73 -1.39 22.07
N ILE A 415 2.71 -2.37 21.17
CA ILE A 415 2.87 -2.11 19.71
C ILE A 415 1.77 -2.78 18.93
N SER A 416 1.38 -2.15 17.83
CA SER A 416 0.35 -2.68 16.99
C SER A 416 0.90 -2.79 15.58
N ILE A 417 0.77 -3.97 14.97
CA ILE A 417 1.34 -4.17 13.65
C ILE A 417 0.18 -4.28 12.66
N GLY A 418 0.21 -3.49 11.61
CA GLY A 418 -0.80 -3.56 10.55
C GLY A 418 -0.81 -4.88 9.75
N LEU A 419 -2.00 -5.33 9.40
CA LEU A 419 -2.16 -6.59 8.65
C LEU A 419 -1.33 -6.63 7.37
N SER A 420 -1.29 -5.53 6.63
CA SER A 420 -0.54 -5.54 5.40
C SER A 420 1.00 -5.62 5.58
N HIS A 421 1.52 -5.42 6.78
CA HIS A 421 2.96 -5.62 7.01
C HIS A 421 3.25 -7.06 7.48
N ILE A 422 2.25 -7.93 7.68
CA ILE A 422 2.49 -9.24 8.22
C ILE A 422 2.59 -10.21 7.01
N ASN A 423 3.75 -10.85 6.86
CA ASN A 423 4.00 -11.84 5.82
C ASN A 423 3.41 -13.15 6.37
N HIS A 424 2.34 -13.63 5.79
CA HIS A 424 1.75 -14.93 6.26
C HIS A 424 2.61 -16.23 6.21
N ASN A 425 3.45 -16.37 5.20
CA ASN A 425 4.16 -17.60 5.04
C ASN A 425 5.46 -17.51 5.84
N SER A 426 5.39 -17.24 7.11
CA SER A 426 6.58 -16.84 7.86
C SER A 426 6.23 -16.86 9.35
N ASP A 427 7.15 -17.33 10.17
CA ASP A 427 6.97 -17.27 11.62
C ASP A 427 7.54 -15.99 12.31
N ASP A 428 8.07 -15.02 11.58
CA ASP A 428 8.69 -13.84 12.21
C ASP A 428 7.77 -13.06 13.22
N MET A 429 6.57 -12.67 12.74
CA MET A 429 5.57 -11.99 13.56
C MET A 429 5.28 -12.76 14.86
N LYS A 430 5.03 -14.04 14.70
CA LYS A 430 4.67 -14.96 15.82
C LYS A 430 5.86 -15.06 16.78
N ASN A 431 7.05 -15.15 16.21
CA ASN A 431 8.24 -15.15 17.05
C ASN A 431 8.45 -13.86 17.85
N MET A 432 8.24 -12.73 17.17
CA MET A 432 8.32 -11.40 17.77
C MET A 432 7.32 -11.29 18.94
N ALA A 433 6.09 -11.67 18.67
CA ALA A 433 4.99 -11.59 19.61
C ALA A 433 5.18 -12.53 20.77
N THR A 434 5.68 -13.70 20.52
CA THR A 434 5.95 -14.63 21.64
C THR A 434 7.03 -14.09 22.57
N HIS A 435 8.06 -13.45 22.03
CA HIS A 435 9.06 -12.80 22.86
C HIS A 435 8.38 -11.77 23.76
N ARG A 436 7.55 -10.91 23.17
CA ARG A 436 6.86 -9.86 23.95
C ARG A 436 5.96 -10.47 25.00
N GLN A 437 5.23 -11.52 24.68
CA GLN A 437 4.43 -12.24 25.68
C GLN A 437 5.24 -12.71 26.86
N GLU A 438 6.40 -13.30 26.60
CA GLU A 438 7.33 -13.66 27.69
C GLU A 438 7.79 -12.51 28.54
N LEU A 439 7.98 -11.32 27.96
CA LEU A 439 8.36 -10.17 28.76
C LEU A 439 7.19 -9.48 29.43
N GLY A 440 5.96 -9.94 29.24
CA GLY A 440 4.75 -9.25 29.73
C GLY A 440 4.43 -7.94 28.99
N LEU A 441 4.97 -7.73 27.80
CA LEU A 441 4.63 -6.57 27.00
C LEU A 441 3.34 -6.84 26.17
N LEU A 442 2.71 -5.77 25.66
CA LEU A 442 1.51 -5.92 24.84
C LEU A 442 1.79 -5.91 23.34
N THR A 443 1.03 -6.69 22.58
CA THR A 443 1.10 -6.74 21.11
C THR A 443 -0.30 -6.92 20.54
N THR A 444 -0.66 -6.10 19.55
CA THR A 444 -1.87 -6.30 18.76
C THR A 444 -1.57 -6.23 17.23
N ILE A 445 -2.58 -6.57 16.43
CA ILE A 445 -2.56 -6.28 15.02
C ILE A 445 -3.67 -5.27 14.83
N TYR A 446 -3.58 -4.50 13.75
CA TYR A 446 -4.63 -3.59 13.36
C TYR A 446 -5.00 -3.74 11.87
N THR A 447 -6.20 -3.31 11.48
CA THR A 447 -6.49 -3.13 10.04
C THR A 447 -6.86 -1.69 9.76
N CYS A 448 -6.75 -1.31 8.49
CA CYS A 448 -7.03 0.06 8.09
C CYS A 448 -7.33 0.11 6.59
N THR A 449 -7.27 1.29 5.99
CA THR A 449 -7.50 1.42 4.58
C THR A 449 -6.56 0.51 3.82
N GLY A 450 -7.01 -0.14 2.76
CA GLY A 450 -6.11 -0.94 1.91
C GLY A 450 -5.99 -2.39 2.40
N ASP A 451 -6.45 -2.68 3.63
CA ASP A 451 -6.35 -4.06 4.13
C ASP A 451 -7.46 -4.97 3.62
N TYR A 452 -7.17 -6.28 3.50
CA TYR A 452 -8.18 -7.33 3.30
C TYR A 452 -7.60 -8.57 3.98
N PRO A 453 -8.30 -9.18 4.93
CA PRO A 453 -9.62 -8.76 5.44
C PRO A 453 -9.65 -7.43 6.15
N SER A 454 -10.82 -6.83 6.24
CA SER A 454 -10.99 -5.57 6.94
C SER A 454 -12.38 -5.39 7.51
N SER A 455 -12.70 -4.17 7.92
CA SER A 455 -13.91 -3.85 8.66
C SER A 455 -14.55 -2.56 8.02
N PHE A 456 -14.74 -2.61 6.72
CA PHE A 456 -15.40 -1.59 5.93
C PHE A 456 -16.90 -1.90 5.77
N THR A 457 -17.65 -0.89 5.38
CA THR A 457 -19.04 -1.03 4.94
C THR A 457 -19.20 -2.06 3.81
N ILE A 458 -18.26 -2.03 2.87
CA ILE A 458 -18.24 -2.95 1.73
C ILE A 458 -17.72 -4.37 2.06
N SER A 459 -17.09 -4.53 3.21
CA SER A 459 -16.50 -5.80 3.60
C SER A 459 -17.60 -6.85 3.88
N ASP A 460 -17.23 -8.12 3.75
CA ASP A 460 -18.00 -9.16 4.35
C ASP A 460 -17.89 -9.01 5.85
N PRO A 461 -19.02 -8.94 6.55
CA PRO A 461 -18.83 -8.84 8.01
C PRO A 461 -17.95 -9.93 8.65
N SER A 462 -17.95 -11.15 8.11
CA SER A 462 -17.13 -12.22 8.71
C SER A 462 -15.58 -11.96 8.66
N GLU A 463 -15.15 -11.03 7.83
CA GLU A 463 -13.79 -10.59 7.86
C GLU A 463 -13.35 -10.16 9.25
N GLY A 464 -14.27 -9.62 10.04
CA GLY A 464 -14.04 -9.25 11.40
C GLY A 464 -13.71 -10.40 12.31
N ALA A 465 -14.44 -11.50 12.19
CA ALA A 465 -14.12 -12.69 13.01
C ALA A 465 -12.79 -13.30 12.56
N PHE A 466 -12.54 -13.27 11.24
CA PHE A 466 -11.28 -13.79 10.74
C PHE A 466 -10.14 -12.96 11.35
N THR A 467 -10.30 -11.61 11.31
CA THR A 467 -9.33 -10.66 11.87
C THR A 467 -9.00 -10.97 13.32
N ILE A 468 -9.99 -11.25 14.14
CA ILE A 468 -9.69 -11.55 15.54
C ILE A 468 -8.94 -12.89 15.69
N TRP A 469 -9.35 -13.91 14.94
CA TRP A 469 -8.66 -15.20 14.93
C TRP A 469 -7.21 -15.06 14.51
N TYR A 470 -6.97 -14.24 13.48
CA TYR A 470 -5.62 -13.94 12.99
C TYR A 470 -4.70 -13.30 14.06
N SER A 471 -5.28 -12.46 14.94
CA SER A 471 -4.52 -11.86 16.07
C SER A 471 -4.02 -12.96 17.02
N LEU A 472 -4.82 -14.01 17.18
CA LEU A 472 -4.43 -15.17 17.97
C LEU A 472 -3.45 -16.12 17.26
N TYR A 473 -3.69 -16.37 15.99
CA TYR A 473 -2.72 -17.07 15.12
C TYR A 473 -1.29 -16.47 15.26
N GLN A 474 -1.19 -15.14 15.31
CA GLN A 474 0.11 -14.47 15.43
C GLN A 474 0.67 -14.37 16.85
N ASN A 475 0.01 -15.05 17.79
CA ASN A 475 0.29 -15.04 19.22
C ASN A 475 0.32 -13.63 19.83
N THR A 476 -0.55 -12.73 19.34
CA THR A 476 -0.64 -11.43 19.94
C THR A 476 -1.75 -11.41 20.97
N ASN A 477 -1.86 -10.30 21.68
CA ASN A 477 -2.91 -10.14 22.68
C ASN A 477 -4.25 -9.76 22.11
N GLY A 478 -4.30 -9.34 20.87
CA GLY A 478 -5.59 -8.92 20.33
C GLY A 478 -5.52 -7.89 19.23
N PHE A 479 -6.45 -6.92 19.24
CA PHE A 479 -6.77 -6.15 18.06
C PHE A 479 -6.98 -4.67 18.39
N LEU A 480 -6.48 -3.83 17.50
CA LEU A 480 -6.51 -2.36 17.62
C LEU A 480 -7.12 -1.86 16.31
N ARG A 481 -7.97 -0.86 16.43
CA ARG A 481 -8.40 -0.15 15.22
C ARG A 481 -8.61 1.29 15.54
N TRP A 482 -8.33 2.15 14.60
CA TRP A 482 -8.38 3.59 14.80
C TRP A 482 -9.79 4.19 14.77
N SER A 483 -10.81 3.36 14.61
CA SER A 483 -12.07 3.74 14.00
C SER A 483 -13.37 3.39 14.79
N TRP A 484 -13.51 3.81 16.07
CA TRP A 484 -14.77 3.50 16.76
C TRP A 484 -15.94 4.29 16.14
N ASP A 485 -15.74 5.57 15.85
CA ASP A 485 -16.84 6.52 15.70
C ASP A 485 -16.54 7.76 14.84
N GLY A 486 -15.68 7.64 13.83
CA GLY A 486 -15.25 8.84 13.09
C GLY A 486 -16.21 9.20 12.01
N TRP A 487 -17.42 9.58 12.42
CA TRP A 487 -18.51 9.80 11.50
C TRP A 487 -18.27 10.95 10.51
N VAL A 488 -18.87 10.77 9.35
CA VAL A 488 -18.95 11.81 8.31
C VAL A 488 -20.18 12.64 8.67
N GLU A 489 -20.73 13.39 7.71
CA GLU A 489 -21.83 14.33 7.98
C GLU A 489 -23.12 13.61 8.41
N ASN A 490 -23.59 12.68 7.61
CA ASN A 490 -24.88 12.02 7.87
C ASN A 490 -24.70 10.53 7.44
N PRO A 491 -23.88 9.76 8.18
CA PRO A 491 -23.60 8.37 7.79
C PRO A 491 -24.83 7.48 7.70
N LEU A 492 -25.88 7.75 8.50
CA LEU A 492 -27.17 6.99 8.33
C LEU A 492 -27.69 6.98 6.90
N GLU A 493 -27.34 8.01 6.10
CA GLU A 493 -27.79 8.12 4.71
CA GLU A 493 -27.79 8.17 4.72
C GLU A 493 -26.66 8.02 3.66
N ASN A 494 -25.46 8.46 3.94
CA ASN A 494 -24.31 8.30 3.02
C ASN A 494 -23.03 8.31 3.82
N VAL A 495 -22.22 7.27 3.71
CA VAL A 495 -21.01 7.15 4.50
C VAL A 495 -19.79 7.70 3.74
N SER A 496 -19.96 8.09 2.47
CA SER A 496 -18.82 8.39 1.61
C SER A 496 -17.95 9.48 2.19
N TYR A 497 -16.63 9.30 2.12
CA TYR A 497 -15.67 10.28 2.58
C TYR A 497 -14.59 10.43 1.48
N LYS A 498 -13.87 11.52 1.50
CA LYS A 498 -12.86 11.77 0.47
C LYS A 498 -11.67 10.78 0.53
N TYR A 499 -11.40 10.21 1.70
CA TYR A 499 -10.38 9.17 1.83
C TYR A 499 -10.96 7.87 2.27
N TRP A 500 -10.33 6.80 1.80
CA TRP A 500 -10.48 5.43 2.31
C TRP A 500 -11.70 4.72 1.78
N GLU A 501 -11.66 3.40 1.94
CA GLU A 501 -12.84 2.57 1.74
C GLU A 501 -14.00 3.06 2.64
N PRO A 502 -15.25 2.93 2.16
CA PRO A 502 -16.40 3.43 2.89
C PRO A 502 -16.59 2.67 4.20
N GLY A 503 -16.86 3.46 5.25
CA GLY A 503 -17.09 2.99 6.58
C GLY A 503 -15.83 2.73 7.36
N ASP A 504 -14.67 2.91 6.73
CA ASP A 504 -13.37 2.73 7.40
C ASP A 504 -13.27 3.50 8.75
N PRO A 505 -13.72 4.79 8.80
CA PRO A 505 -13.49 5.54 10.06
C PRO A 505 -14.42 5.23 11.24
N PHE A 506 -15.41 4.36 11.08
CA PHE A 506 -16.37 4.06 12.17
C PHE A 506 -17.02 2.70 12.09
N LEU A 507 -16.96 2.06 13.24
CA LEU A 507 -17.57 0.77 13.44
C LEU A 507 -19.00 0.80 14.04
N ILE A 508 -19.38 1.93 14.64
CA ILE A 508 -20.76 2.19 15.03
C ILE A 508 -21.25 3.38 14.21
N TYR A 509 -22.58 3.41 14.02
CA TYR A 509 -23.27 4.59 13.52
C TYR A 509 -23.81 5.46 14.68
N PRO A 510 -23.92 6.77 14.45
CA PRO A 510 -24.75 7.52 15.36
C PRO A 510 -26.25 7.08 15.23
N ALA A 511 -27.05 7.50 16.18
CA ALA A 511 -28.45 7.51 15.97
C ALA A 511 -28.87 8.77 15.18
N GLU A 512 -30.16 8.86 14.85
CA GLU A 512 -30.74 10.04 14.14
C GLU A 512 -30.51 11.28 15.01
N LYS A 513 -30.30 12.45 14.42
CA LYS A 513 -29.96 13.66 15.22
C LYS A 513 -31.02 13.98 16.27
N ASP A 514 -32.28 13.88 15.91
CA ASP A 514 -33.38 14.11 16.88
C ASP A 514 -33.74 12.88 17.78
N SER A 515 -32.91 11.86 17.84
CA SER A 515 -33.29 10.68 18.60
C SER A 515 -33.59 11.05 20.09
N ILE A 516 -34.57 10.40 20.64
CA ILE A 516 -34.83 10.37 22.07
C ILE A 516 -34.50 8.88 22.28
N GLY A 517 -33.88 8.47 23.35
CA GLY A 517 -33.52 7.03 23.44
C GLY A 517 -32.17 6.71 22.85
N LYS A 518 -32.13 6.09 21.66
CA LYS A 518 -30.86 5.62 21.10
C LYS A 518 -29.80 6.69 20.85
N THR A 519 -28.54 6.38 21.12
CA THR A 519 -27.42 7.26 20.84
C THR A 519 -26.42 6.72 19.79
N PHE A 520 -26.51 5.44 19.46
CA PHE A 520 -25.72 4.79 18.39
C PHE A 520 -26.44 3.57 17.87
N TYR A 521 -25.95 3.00 16.77
CA TYR A 521 -26.39 1.72 16.22
C TYR A 521 -25.13 0.88 15.89
N SER A 522 -25.20 -0.39 16.20
CA SER A 522 -24.17 -1.35 15.84
C SER A 522 -24.23 -1.69 14.33
N THR A 523 -23.27 -2.50 13.91
CA THR A 523 -23.07 -2.90 12.54
C THR A 523 -22.77 -4.38 12.52
N PRO A 524 -23.21 -5.07 11.46
CA PRO A 524 -22.78 -6.47 11.40
C PRO A 524 -21.28 -6.66 11.48
N ARG A 525 -20.52 -5.78 10.84
CA ARG A 525 -19.06 -5.84 10.95
C ARG A 525 -18.48 -5.74 12.39
N LEU A 526 -19.12 -4.91 13.23
CA LEU A 526 -18.76 -4.82 14.60
C LEU A 526 -19.21 -6.09 15.30
N GLU A 527 -20.39 -6.60 15.01
CA GLU A 527 -20.86 -7.77 15.74
C GLU A 527 -19.96 -8.99 15.44
N LYS A 528 -19.38 -9.02 14.24
CA LYS A 528 -18.43 -10.07 13.90
C LYS A 528 -17.07 -9.95 14.59
N LEU A 529 -16.59 -8.73 14.83
CA LEU A 529 -15.44 -8.55 15.72
C LEU A 529 -15.77 -9.09 17.14
N LYS A 530 -16.97 -8.78 17.60
CA LYS A 530 -17.41 -9.19 18.93
C LYS A 530 -17.43 -10.70 19.03
N GLU A 531 -17.90 -11.31 17.95
CA GLU A 531 -17.95 -12.77 17.84
C GLU A 531 -16.54 -13.40 17.92
N GLY A 532 -15.59 -12.84 17.14
CA GLY A 532 -14.22 -13.31 17.14
C GLY A 532 -13.61 -13.19 18.52
N ILE A 533 -13.92 -12.06 19.20
CA ILE A 533 -13.35 -11.80 20.52
C ILE A 533 -13.93 -12.88 21.48
N ARG A 534 -15.22 -13.15 21.44
CA ARG A 534 -15.75 -14.13 22.36
C ARG A 534 -15.12 -15.51 22.07
N ASP A 535 -14.90 -15.83 20.80
CA ASP A 535 -14.47 -17.19 20.45
C ASP A 535 -12.96 -17.43 20.71
N ILE A 536 -12.11 -16.41 20.51
CA ILE A 536 -10.73 -16.55 20.97
C ILE A 536 -10.67 -16.65 22.50
N ASN A 537 -11.62 -16.00 23.21
CA ASN A 537 -11.61 -16.09 24.64
C ASN A 537 -11.94 -17.53 25.11
N LYS A 538 -12.80 -18.23 24.35
CA LYS A 538 -13.04 -19.65 24.57
C LYS A 538 -11.80 -20.48 24.36
N ALA A 539 -11.11 -20.23 23.25
CA ALA A 539 -9.89 -20.98 22.93
C ALA A 539 -8.83 -20.81 24.05
N LYS A 540 -8.61 -19.56 24.47
CA LYS A 540 -7.72 -19.31 25.58
C LYS A 540 -8.18 -19.91 26.91
N TYR A 541 -9.48 -19.83 27.19
CA TYR A 541 -9.96 -20.44 28.40
C TYR A 541 -9.62 -21.92 28.38
N LEU A 542 -9.96 -22.63 27.31
CA LEU A 542 -9.70 -24.08 27.25
C LEU A 542 -8.24 -24.47 27.30
N MET A 543 -7.39 -23.69 26.63
CA MET A 543 -5.99 -23.93 26.63
C MET A 543 -5.46 -23.90 28.06
N GLU A 544 -6.01 -22.99 28.87
CA GLU A 544 -5.63 -22.93 30.25
C GLU A 544 -6.25 -24.05 31.08
N LYS A 545 -7.54 -24.29 30.97
CA LYS A 545 -8.20 -25.19 31.90
C LYS A 545 -8.09 -26.69 31.44
N ALA A 546 -7.66 -26.92 30.19
CA ALA A 546 -7.52 -28.27 29.64
C ALA A 546 -6.06 -28.44 29.10
N PRO A 547 -5.10 -28.66 30.02
CA PRO A 547 -3.69 -28.94 29.60
C PRO A 547 -3.52 -30.13 28.61
N ASN A 548 -4.34 -31.19 28.71
CA ASN A 548 -4.35 -32.26 27.68
C ASN A 548 -4.69 -31.84 26.24
N LEU A 549 -5.48 -30.76 26.12
CA LEU A 549 -5.92 -30.24 24.83
C LEU A 549 -5.18 -29.01 24.33
N LYS A 550 -4.32 -28.40 25.13
CA LYS A 550 -3.75 -27.12 24.77
C LYS A 550 -2.99 -27.16 23.46
N ASN A 551 -2.14 -28.19 23.30
CA ASN A 551 -1.37 -28.29 22.09
C ASN A 551 -2.26 -28.63 20.92
N SER A 552 -3.25 -29.50 21.09
CA SER A 552 -4.21 -29.71 19.99
C SER A 552 -4.87 -28.41 19.53
N ILE A 553 -5.22 -27.58 20.50
CA ILE A 553 -5.90 -26.34 20.23
C ILE A 553 -4.95 -25.41 19.50
N GLU A 554 -3.71 -25.36 19.95
CA GLU A 554 -2.74 -24.52 19.27
C GLU A 554 -2.56 -24.90 17.81
N ASN A 555 -2.51 -26.20 17.56
CA ASN A 555 -2.36 -26.64 16.21
C ASN A 555 -3.54 -26.30 15.34
N LEU A 556 -4.75 -26.38 15.89
CA LEU A 556 -5.96 -26.00 15.16
C LEU A 556 -5.82 -24.54 14.69
N ILE A 557 -5.46 -23.68 15.63
CA ILE A 557 -5.30 -22.23 15.38
C ILE A 557 -4.17 -21.99 14.34
N TYR A 558 -3.04 -22.68 14.46
N TYR A 558 -3.05 -22.71 14.47
CA TYR A 558 -1.96 -22.51 13.49
CA TYR A 558 -1.91 -22.66 13.51
C TYR A 558 -2.22 -23.17 12.11
C TYR A 558 -2.25 -23.12 12.09
N SER A 559 -3.37 -23.82 11.92
CA SER A 559 -3.82 -24.25 10.62
C SER A 559 -4.54 -23.16 9.87
N LEU A 560 -4.81 -22.03 10.51
CA LEU A 560 -5.56 -20.92 9.88
C LEU A 560 -4.95 -20.53 8.52
N LYS A 561 -5.73 -20.49 7.46
CA LYS A 561 -5.20 -20.01 6.14
C LYS A 561 -5.55 -18.56 5.99
N ARG A 562 -4.74 -17.79 5.29
CA ARG A 562 -4.97 -16.36 5.05
C ARG A 562 -5.21 -16.10 3.58
N PRO A 563 -6.28 -15.41 3.22
CA PRO A 563 -6.61 -15.18 1.82
C PRO A 563 -5.78 -14.07 1.19
N ASN A 564 -5.71 -14.13 -0.13
CA ASN A 564 -5.02 -13.12 -0.93
C ASN A 564 -5.96 -11.95 -1.19
N LYS A 565 -5.38 -10.78 -1.41
CA LYS A 565 -6.18 -9.58 -1.61
C LYS A 565 -5.92 -8.95 -2.93
N GLY A 566 -6.90 -8.23 -3.45
CA GLY A 566 -6.66 -7.36 -4.59
C GLY A 566 -7.44 -6.06 -4.37
N GLU A 567 -7.83 -5.46 -5.50
CA GLU A 567 -8.59 -4.21 -5.56
C GLU A 567 -9.70 -4.29 -6.54
N ASN A 568 -10.77 -3.53 -6.27
CA ASN A 568 -11.81 -3.37 -7.22
C ASN A 568 -11.38 -2.29 -8.21
N ALA A 569 -12.28 -1.94 -9.10
CA ALA A 569 -11.96 -1.03 -10.18
C ALA A 569 -11.85 0.41 -9.70
N TYR A 570 -12.23 0.66 -8.45
CA TYR A 570 -12.34 2.00 -7.92
C TYR A 570 -11.35 2.25 -6.82
N GLY A 571 -10.37 1.33 -6.67
CA GLY A 571 -9.28 1.47 -5.67
C GLY A 571 -9.48 0.86 -4.27
N SER A 572 -10.62 0.20 -4.03
CA SER A 572 -10.90 -0.44 -2.74
C SER A 572 -10.28 -1.86 -2.64
N ALA A 573 -9.70 -2.18 -1.49
CA ALA A 573 -9.19 -3.51 -1.25
C ALA A 573 -10.36 -4.49 -1.07
N VAL A 574 -10.24 -5.63 -1.74
CA VAL A 574 -11.21 -6.70 -1.80
C VAL A 574 -10.49 -8.03 -1.84
N ALA A 575 -11.23 -9.11 -1.70
CA ALA A 575 -10.59 -10.47 -1.89
C ALA A 575 -9.95 -10.60 -3.29
N ALA A 576 -8.88 -11.39 -3.40
CA ALA A 576 -8.21 -11.65 -4.69
C ALA A 576 -9.04 -12.55 -5.64
N SER A 577 -10.05 -13.25 -5.14
CA SER A 577 -10.86 -14.15 -6.01
C SER A 577 -12.06 -14.60 -5.20
N LYS A 578 -13.00 -15.32 -5.81
CA LYS A 578 -14.12 -15.86 -5.07
C LYS A 578 -13.58 -16.92 -4.09
N GLU A 579 -12.63 -17.74 -4.52
CA GLU A 579 -12.02 -18.70 -3.64
C GLU A 579 -11.43 -18.05 -2.36
N ASP A 580 -10.75 -16.92 -2.52
CA ASP A 580 -10.16 -16.23 -1.36
C ASP A 580 -11.28 -15.68 -0.47
N ARG A 581 -12.33 -15.13 -1.10
CA ARG A 581 -13.43 -14.57 -0.35
C ARG A 581 -14.14 -15.66 0.48
N ASP A 582 -14.35 -16.84 -0.12
CA ASP A 582 -14.96 -17.98 0.59
C ASP A 582 -14.06 -18.51 1.70
N LEU A 583 -12.75 -18.46 1.46
CA LEU A 583 -11.79 -18.86 2.50
C LEU A 583 -11.95 -18.07 3.78
N THR A 584 -12.07 -16.76 3.65
CA THR A 584 -12.18 -15.92 4.79
C THR A 584 -13.30 -16.44 5.73
N ILE A 585 -14.48 -16.61 5.15
CA ILE A 585 -15.69 -17.12 5.85
C ILE A 585 -15.54 -18.58 6.31
N SER A 586 -15.14 -19.45 5.43
CA SER A 586 -15.05 -20.85 5.80
C SER A 586 -13.97 -21.10 6.92
N GLU A 587 -12.89 -20.27 6.93
CA GLU A 587 -11.85 -20.37 7.98
C GLU A 587 -12.34 -19.96 9.38
N ALA A 588 -12.98 -18.78 9.49
CA ALA A 588 -13.44 -18.30 10.78
C ALA A 588 -14.37 -19.34 11.41
N ASN A 589 -15.33 -19.80 10.62
CA ASN A 589 -16.28 -20.81 11.11
C ASN A 589 -15.70 -22.15 11.43
N ARG A 590 -14.68 -22.57 10.68
CA ARG A 590 -13.96 -23.85 10.91
C ARG A 590 -13.25 -23.83 12.28
N ILE A 591 -12.54 -22.73 12.57
CA ILE A 591 -11.81 -22.65 13.84
C ILE A 591 -12.83 -22.70 14.97
N LYS A 592 -13.88 -21.91 14.87
CA LYS A 592 -14.99 -21.84 15.88
C LYS A 592 -15.56 -23.20 16.17
N ASN A 593 -15.91 -23.91 15.10
CA ASN A 593 -16.55 -25.24 15.23
C ASN A 593 -15.55 -26.22 15.86
N GLY A 594 -14.29 -26.14 15.44
CA GLY A 594 -13.21 -26.94 16.07
C GLY A 594 -13.03 -26.65 17.56
N ILE A 595 -13.12 -25.38 17.92
CA ILE A 595 -13.06 -24.99 19.36
C ILE A 595 -14.25 -25.51 20.17
N ASN A 596 -15.45 -25.50 19.57
CA ASN A 596 -16.60 -26.02 20.26
C ASN A 596 -16.54 -27.54 20.39
N ASN A 597 -15.91 -28.20 19.43
CA ASN A 597 -15.65 -29.64 19.55
C ASN A 597 -14.67 -29.98 20.63
N PHE A 598 -13.57 -29.21 20.74
CA PHE A 598 -12.71 -29.35 21.88
C PHE A 598 -13.45 -29.12 23.22
N ALA A 599 -14.35 -28.13 23.25
CA ALA A 599 -15.09 -27.79 24.45
C ALA A 599 -15.92 -29.01 24.85
N ARG A 600 -16.57 -29.60 23.87
CA ARG A 600 -17.41 -30.77 24.02
C ARG A 600 -16.58 -31.96 24.52
N GLU A 601 -15.49 -32.31 23.81
N GLU A 601 -15.52 -32.34 23.81
CA GLU A 601 -14.60 -33.42 24.22
CA GLU A 601 -14.70 -33.51 24.21
C GLU A 601 -14.26 -33.32 25.68
C GLU A 601 -14.19 -33.34 25.67
N PHE A 602 -13.87 -32.11 26.05
CA PHE A 602 -13.46 -31.77 27.37
C PHE A 602 -14.51 -31.96 28.45
N ILE A 603 -15.68 -31.36 28.25
CA ILE A 603 -16.85 -31.60 29.10
C ILE A 603 -17.10 -33.15 29.22
N SER A 604 -17.22 -33.85 28.10
CA SER A 604 -17.60 -35.28 28.05
C SER A 604 -16.63 -36.19 28.76
N LEU A 605 -15.35 -35.88 28.62
CA LEU A 605 -14.31 -36.67 29.24
C LEU A 605 -14.20 -36.37 30.71
N THR A 606 -14.35 -35.10 31.10
CA THR A 606 -14.44 -34.76 32.54
C THR A 606 -15.60 -35.58 33.22
N MET A 607 -16.79 -35.63 32.59
CA MET A 607 -17.97 -36.39 33.13
C MET A 607 -17.79 -37.93 33.25
N GLU A 608 -17.31 -38.55 32.15
CA GLU A 608 -17.10 -40.01 32.04
C GLU A 608 -16.08 -40.43 33.11
N THR A 609 -15.08 -39.55 33.29
CA THR A 609 -13.96 -39.74 34.22
C THR A 609 -14.17 -39.13 35.64
N LEU A 610 -15.28 -38.42 35.92
CA LEU A 610 -15.60 -37.96 37.31
C LEU A 610 -16.10 -39.15 38.11
N THR B 28 36.43 32.79 -2.72
CA THR B 28 36.50 33.30 -4.11
C THR B 28 35.08 33.61 -4.63
N THR B 29 35.05 34.06 -5.86
CA THR B 29 33.85 34.19 -6.66
C THR B 29 33.07 32.86 -6.90
N LEU B 30 33.80 31.74 -7.04
CA LEU B 30 33.20 30.42 -7.41
C LEU B 30 33.92 29.29 -6.75
N GLY B 31 33.19 28.51 -5.93
CA GLY B 31 33.71 27.27 -5.35
C GLY B 31 33.43 26.12 -6.28
N ALA B 32 34.21 25.05 -6.15
CA ALA B 32 34.01 23.82 -6.95
C ALA B 32 34.61 22.61 -6.28
N SER B 33 33.97 21.46 -6.44
CA SER B 33 34.44 20.18 -5.89
C SER B 33 33.84 19.00 -6.69
N ILE B 34 34.58 17.90 -6.76
CA ILE B 34 33.95 16.67 -7.27
C ILE B 34 32.84 16.30 -6.28
N GLY B 35 31.70 15.81 -6.80
CA GLY B 35 30.54 15.40 -6.05
C GLY B 35 30.06 14.03 -6.54
N SER B 36 29.18 13.41 -5.75
CA SER B 36 28.69 12.08 -6.02
C SER B 36 27.51 12.13 -6.98
N THR B 37 27.43 11.12 -7.84
CA THR B 37 26.25 10.97 -8.67
C THR B 37 25.10 10.27 -7.93
N ASP B 38 25.38 9.70 -6.76
CA ASP B 38 24.41 8.86 -6.09
C ASP B 38 23.25 9.61 -5.45
N PHE B 39 23.46 10.87 -5.11
CA PHE B 39 22.42 11.68 -4.46
C PHE B 39 22.43 13.05 -5.06
N HIS B 40 21.37 13.79 -4.82
CA HIS B 40 21.22 15.18 -5.27
C HIS B 40 21.93 16.19 -4.38
N TYR B 41 22.52 17.24 -4.98
CA TYR B 41 23.04 18.40 -4.26
C TYR B 41 22.00 19.49 -4.41
N LEU B 42 21.33 19.80 -3.31
CA LEU B 42 20.15 20.67 -3.28
C LEU B 42 20.48 22.06 -2.74
N GLN B 43 19.74 23.07 -3.20
CA GLN B 43 19.99 24.45 -2.77
C GLN B 43 19.91 24.57 -1.28
N LYS B 44 18.98 23.82 -0.69
CA LYS B 44 18.75 23.89 0.75
C LYS B 44 19.97 23.51 1.59
N ASP B 45 20.87 22.69 1.04
CA ASP B 45 22.12 22.30 1.70
C ASP B 45 23.33 23.13 1.30
N TYR B 46 23.11 24.29 0.69
CA TYR B 46 24.16 25.23 0.32
C TYR B 46 25.32 25.30 1.34
N ASP B 47 24.99 25.45 2.63
CA ASP B 47 26.00 25.66 3.69
C ASP B 47 26.97 24.50 3.90
N GLU B 48 26.47 23.27 3.88
CA GLU B 48 27.33 22.09 3.98
C GLU B 48 28.13 21.84 2.73
N ILE B 49 27.55 22.17 1.56
CA ILE B 49 28.15 21.90 0.22
C ILE B 49 29.34 22.80 -0.06
N LYS B 50 29.22 24.04 0.44
CA LYS B 50 30.32 25.03 0.53
C LYS B 50 31.64 24.47 1.12
N LYS B 51 31.55 23.45 1.97
CA LYS B 51 32.72 22.90 2.64
C LYS B 51 33.43 21.80 1.88
N LEU B 52 32.93 21.43 0.71
CA LEU B 52 33.49 20.29 -0.03
C LEU B 52 34.81 20.67 -0.75
N ASN B 53 35.75 19.74 -0.86
CA ASN B 53 36.83 19.94 -1.84
C ASN B 53 37.52 18.65 -2.17
N LEU B 54 36.76 17.79 -2.84
CA LEU B 54 37.27 16.59 -3.41
C LEU B 54 37.85 16.96 -4.78
N ASN B 55 39.11 16.59 -4.97
CA ASN B 55 39.86 17.05 -6.13
C ASN B 55 40.31 15.96 -7.07
N THR B 56 40.11 14.71 -6.67
CA THR B 56 40.44 13.63 -7.54
C THR B 56 39.34 12.59 -7.56
N TRP B 57 39.37 11.77 -8.62
CA TRP B 57 38.39 10.73 -8.85
C TRP B 57 39.06 9.64 -9.60
N ASN B 58 38.67 8.42 -9.24
CA ASN B 58 39.18 7.23 -9.78
C ASN B 58 38.09 6.16 -9.81
N GLU B 59 37.98 5.40 -10.90
CA GLU B 59 37.02 4.30 -10.97
CA GLU B 59 36.99 4.34 -11.03
C GLU B 59 37.51 3.25 -11.97
N VAL B 60 36.87 2.09 -11.95
CA VAL B 60 37.22 0.95 -12.76
C VAL B 60 36.11 0.71 -13.77
N ALA B 61 36.54 0.41 -15.01
CA ALA B 61 35.66 0.24 -16.16
C ALA B 61 36.11 -0.94 -17.01
N TRP B 62 35.19 -1.51 -17.77
CA TRP B 62 35.52 -2.45 -18.85
C TRP B 62 35.64 -1.71 -20.19
N ILE B 63 36.23 -2.40 -21.16
CA ILE B 63 36.20 -1.91 -22.54
C ILE B 63 34.73 -1.80 -22.95
N GLY B 64 34.32 -0.65 -23.46
CA GLY B 64 32.94 -0.48 -23.97
C GLY B 64 31.95 -0.09 -22.89
N ASP B 65 32.48 0.24 -21.71
CA ASP B 65 31.73 0.65 -20.53
C ASP B 65 31.45 2.18 -20.58
N GLU B 66 30.70 2.64 -19.58
CA GLU B 66 30.41 4.02 -19.32
C GLU B 66 30.50 4.30 -17.81
N LEU B 67 31.05 5.46 -17.50
CA LEU B 67 31.27 5.92 -16.14
C LEU B 67 30.65 7.28 -16.02
N ASN B 68 30.16 7.60 -14.82
CA ASN B 68 29.58 8.93 -14.55
C ASN B 68 30.18 9.54 -13.30
N SER B 69 30.35 10.85 -13.33
CA SER B 69 30.79 11.60 -12.19
C SER B 69 30.05 12.94 -12.24
N LYS B 70 30.42 13.84 -11.33
CA LYS B 70 29.78 15.14 -11.17
C LYS B 70 30.74 16.13 -10.55
N ILE B 71 30.64 17.38 -10.96
CA ILE B 71 31.28 18.47 -10.25
C ILE B 71 30.21 19.39 -9.78
N VAL B 72 30.34 19.77 -8.53
CA VAL B 72 29.40 20.66 -7.89
C VAL B 72 30.15 21.93 -7.71
N MET B 73 29.45 23.04 -7.99
CA MET B 73 30.02 24.37 -7.94
C MET B 73 29.07 25.21 -7.11
N TRP B 74 29.58 26.31 -6.54
CA TRP B 74 28.71 27.28 -5.85
C TRP B 74 29.23 28.70 -5.88
N THR B 75 28.29 29.64 -5.81
CA THR B 75 28.61 31.05 -5.82
C THR B 75 28.34 31.59 -4.45
N ASN B 76 28.88 32.79 -4.19
CA ASN B 76 28.72 33.49 -2.90
C ASN B 76 27.97 34.82 -3.15
N SER B 77 28.52 35.94 -2.64
CA SER B 77 27.91 37.28 -2.76
C SER B 77 27.63 37.72 -4.22
N SER B 78 28.55 37.40 -5.15
CA SER B 78 28.46 37.80 -6.58
C SER B 78 27.90 36.73 -7.52
N PRO B 79 27.12 37.13 -8.56
CA PRO B 79 26.87 36.21 -9.67
C PRO B 79 28.16 35.93 -10.43
N VAL B 80 28.21 34.83 -11.19
CA VAL B 80 29.44 34.43 -11.89
C VAL B 80 29.06 34.01 -13.28
N ASN B 81 29.80 34.51 -14.27
CA ASN B 81 29.45 34.33 -15.68
C ASN B 81 30.43 33.48 -16.46
N ASN B 82 29.93 32.97 -17.60
CA ASN B 82 30.66 32.08 -18.55
C ASN B 82 31.36 30.88 -17.89
N VAL B 83 30.72 30.25 -16.90
CA VAL B 83 31.28 29.06 -16.29
C VAL B 83 31.28 27.89 -17.30
N THR B 84 32.46 27.46 -17.68
CA THR B 84 32.60 26.37 -18.63
C THR B 84 33.44 25.27 -18.05
N LEU B 85 33.08 24.06 -18.36
CA LEU B 85 33.83 22.91 -17.95
C LEU B 85 34.40 22.27 -19.20
N SER B 86 35.56 21.66 -19.05
CA SER B 86 36.32 21.17 -20.18
C SER B 86 37.10 19.93 -19.79
N SER B 87 37.27 19.00 -20.71
CA SER B 87 38.01 17.79 -20.44
C SER B 87 39.22 17.65 -21.38
N SER B 88 40.33 17.19 -20.85
CA SER B 88 41.48 16.74 -21.66
C SER B 88 41.18 15.39 -22.31
N ASP B 89 42.05 14.99 -23.22
CA ASP B 89 42.12 13.60 -23.60
C ASP B 89 42.62 12.81 -22.40
N PHE B 90 42.54 11.49 -22.51
CA PHE B 90 42.94 10.56 -21.48
C PHE B 90 43.95 9.57 -22.05
N ILE B 91 45.07 9.39 -21.36
CA ILE B 91 46.19 8.54 -21.81
C ILE B 91 46.56 7.49 -20.76
N ASN B 92 46.86 6.29 -21.20
CA ASN B 92 47.30 5.28 -20.26
C ASN B 92 48.83 5.26 -20.20
N GLU B 93 49.38 4.31 -19.45
CA GLU B 93 50.85 4.15 -19.28
C GLU B 93 51.60 3.91 -20.58
N ASN B 94 50.98 3.23 -21.55
CA ASN B 94 51.57 3.06 -22.89
C ASN B 94 51.26 4.09 -23.96
N GLY B 95 50.78 5.27 -23.60
CA GLY B 95 50.48 6.30 -24.60
C GLY B 95 49.20 6.10 -25.44
N ASP B 96 48.43 5.03 -25.16
CA ASP B 96 47.13 4.84 -25.78
C ASP B 96 46.13 5.90 -25.33
N LEU B 97 45.32 6.35 -26.28
CA LEU B 97 44.55 7.52 -26.11
C LEU B 97 43.01 7.27 -26.22
N ILE B 98 42.30 7.85 -25.24
CA ILE B 98 40.86 8.01 -25.24
C ILE B 98 40.56 9.50 -25.38
N SER B 99 39.90 9.81 -26.47
CA SER B 99 39.70 11.17 -26.89
C SER B 99 38.74 11.91 -25.97
N SER B 100 39.01 13.21 -25.74
CA SER B 100 38.09 14.04 -24.96
C SER B 100 36.66 14.01 -25.50
N ASN B 101 36.49 13.67 -26.78
CA ASN B 101 35.18 13.58 -27.39
C ASN B 101 34.27 12.50 -26.78
N ASN B 102 34.85 11.53 -26.08
CA ASN B 102 34.08 10.54 -25.35
C ASN B 102 33.54 11.09 -24.00
N ILE B 103 33.90 12.32 -23.64
CA ILE B 103 33.56 12.89 -22.36
C ILE B 103 32.52 13.97 -22.62
N LYS B 104 31.32 13.81 -22.08
CA LYS B 104 30.27 14.80 -22.23
C LYS B 104 29.95 15.37 -20.83
N ILE B 105 30.08 16.70 -20.70
CA ILE B 105 29.85 17.42 -19.48
C ILE B 105 28.58 18.28 -19.68
N SER B 106 27.53 17.96 -18.91
CA SER B 106 26.20 18.56 -19.11
C SER B 106 25.77 19.11 -17.78
N TRP B 107 25.35 20.37 -17.79
CA TRP B 107 24.77 20.98 -16.64
C TRP B 107 23.48 20.26 -16.18
N LEU B 108 23.35 20.12 -14.88
CA LEU B 108 22.10 19.61 -14.31
C LEU B 108 21.15 20.76 -14.16
N LYS B 109 19.94 20.63 -14.69
CA LYS B 109 18.95 21.66 -14.59
C LYS B 109 17.95 21.29 -13.51
N GLU B 110 17.48 22.28 -12.78
CA GLU B 110 16.52 22.05 -11.73
C GLU B 110 15.11 22.27 -12.24
N THR B 111 14.17 21.49 -11.71
CA THR B 111 12.75 21.74 -11.94
C THR B 111 12.04 21.67 -10.62
N LEU B 112 10.83 22.20 -10.54
CA LEU B 112 10.07 22.13 -9.30
C LEU B 112 9.30 20.83 -9.11
N ALA B 113 9.22 20.38 -7.88
CA ALA B 113 8.39 19.23 -7.52
C ALA B 113 7.75 19.44 -6.18
N ASN B 114 6.44 19.21 -6.19
CA ASN B 114 5.65 18.93 -5.02
C ASN B 114 6.18 17.60 -4.46
N ILE B 115 6.58 17.63 -3.21
CA ILE B 115 7.29 16.54 -2.56
C ILE B 115 6.39 15.47 -1.94
N GLY B 116 5.06 15.66 -2.05
CA GLY B 116 4.13 14.63 -1.57
C GLY B 116 3.56 13.74 -2.65
N ARG B 117 2.51 13.04 -2.28
CA ARG B 117 1.77 12.16 -3.16
C ARG B 117 0.30 12.42 -3.00
N SER B 118 -0.42 12.79 -4.07
CA SER B 118 -1.85 13.15 -3.90
C SER B 118 -2.05 14.21 -2.79
N ASN B 119 -1.18 15.20 -2.73
CA ASN B 119 -1.24 16.13 -1.63
C ASN B 119 -0.99 17.56 -2.11
N PRO B 120 -2.06 18.25 -2.49
CA PRO B 120 -1.88 19.57 -3.11
C PRO B 120 -1.24 20.65 -2.23
N SER B 121 -1.30 20.50 -0.91
N SER B 121 -1.29 20.49 -0.92
CA SER B 121 -0.67 21.45 -0.01
CA SER B 121 -0.67 21.45 -0.02
C SER B 121 0.80 21.13 0.30
C SER B 121 0.80 21.16 0.26
N ALA B 122 1.36 20.06 -0.25
CA ALA B 122 2.79 19.76 0.01
C ALA B 122 3.67 20.85 -0.61
N PRO B 123 4.80 21.16 0.00
CA PRO B 123 5.67 22.17 -0.57
C PRO B 123 6.32 21.77 -1.89
N LEU B 124 6.64 22.78 -2.68
CA LEU B 124 7.32 22.61 -3.94
C LEU B 124 8.77 22.95 -3.68
N GLU B 125 9.69 22.13 -4.16
CA GLU B 125 11.13 22.37 -3.99
C GLU B 125 11.80 22.09 -5.28
N PRO B 126 12.95 22.78 -5.53
CA PRO B 126 13.70 22.45 -6.72
C PRO B 126 14.57 21.16 -6.60
N PHE B 127 14.67 20.41 -7.71
CA PHE B 127 15.47 19.19 -7.84
C PHE B 127 16.29 19.16 -9.13
N PRO B 128 17.62 18.93 -9.04
CA PRO B 128 18.50 18.76 -10.21
C PRO B 128 18.30 17.37 -10.90
N ASP B 129 17.11 17.23 -11.47
CA ASP B 129 16.59 15.99 -12.04
C ASP B 129 16.88 15.83 -13.55
N ILE B 130 17.33 16.90 -14.21
CA ILE B 130 17.51 16.96 -15.66
C ILE B 130 18.98 17.09 -16.11
N ILE B 131 19.45 16.13 -16.91
CA ILE B 131 20.77 16.22 -17.50
C ILE B 131 20.58 17.09 -18.76
N HIS B 132 20.95 18.35 -18.62
CA HIS B 132 20.61 19.39 -19.60
C HIS B 132 21.76 19.61 -20.57
N ASN B 133 22.13 20.84 -20.92
CA ASN B 133 23.09 21.04 -22.03
C ASN B 133 24.53 21.28 -21.60
N SER B 134 25.39 21.10 -22.59
CA SER B 134 26.82 21.39 -22.50
C SER B 134 27.01 22.88 -22.74
N GLY B 135 28.20 23.41 -22.43
CA GLY B 135 28.48 24.83 -22.71
C GLY B 135 28.46 25.64 -21.45
N SER B 136 28.32 26.94 -21.62
CA SER B 136 28.45 27.93 -20.55
C SER B 136 27.17 28.25 -19.83
N LEU B 137 27.34 28.70 -18.61
CA LEU B 137 26.24 28.97 -17.70
C LEU B 137 26.60 30.21 -16.87
N ASN B 138 25.65 31.11 -16.68
CA ASN B 138 25.82 32.17 -15.69
C ASN B 138 25.06 31.70 -14.49
N ILE B 139 25.69 31.79 -13.32
CA ILE B 139 25.11 31.40 -12.09
C ILE B 139 24.87 32.68 -11.26
N GLU B 140 23.71 32.75 -10.64
CA GLU B 140 23.31 33.86 -9.76
C GLU B 140 24.02 33.69 -8.43
N LYS B 141 23.89 34.71 -7.57
CA LYS B 141 24.57 34.73 -6.27
C LYS B 141 23.99 33.64 -5.39
N ASN B 142 24.80 33.09 -4.50
CA ASN B 142 24.34 32.16 -3.46
C ASN B 142 23.59 30.92 -3.96
N LYS B 143 24.07 30.35 -5.07
CA LYS B 143 23.44 29.20 -5.75
C LYS B 143 24.39 28.00 -5.71
N ILE B 144 23.81 26.82 -5.73
CA ILE B 144 24.50 25.58 -6.12
C ILE B 144 24.20 25.39 -7.60
N ALA B 145 25.16 24.89 -8.36
CA ALA B 145 24.87 24.33 -9.68
C ALA B 145 25.86 23.24 -9.94
N SER B 146 25.45 22.16 -10.57
CA SER B 146 26.27 20.99 -10.80
C SER B 146 26.32 20.58 -12.24
N ALA B 147 27.43 19.96 -12.64
CA ALA B 147 27.57 19.44 -13.98
C ALA B 147 27.79 17.93 -13.91
N TRP B 148 27.00 17.21 -14.71
CA TRP B 148 27.11 15.76 -14.83
C TRP B 148 28.23 15.47 -15.81
N ILE B 149 29.00 14.43 -15.54
CA ILE B 149 30.06 14.01 -16.44
C ILE B 149 29.81 12.59 -16.86
N ASN B 150 29.74 12.35 -18.17
CA ASN B 150 29.60 11.06 -18.75
C ASN B 150 30.88 10.73 -19.57
N ILE B 151 31.39 9.55 -19.33
CA ILE B 151 32.64 9.04 -19.92
C ILE B 151 32.32 7.70 -20.62
N LYS B 152 32.39 7.70 -21.95
CA LYS B 152 32.16 6.52 -22.73
C LYS B 152 33.55 5.90 -22.99
N ILE B 153 33.72 4.62 -22.67
CA ILE B 153 34.97 3.96 -22.95
C ILE B 153 34.76 3.29 -24.29
N PRO B 154 35.56 3.64 -25.34
CA PRO B 154 35.39 3.00 -26.64
C PRO B 154 35.39 1.48 -26.57
N ARG B 155 34.63 0.84 -27.43
CA ARG B 155 34.62 -0.62 -27.49
C ARG B 155 35.94 -1.19 -28.08
N ASN B 156 36.83 -0.36 -28.62
CA ASN B 156 38.17 -0.84 -29.02
C ASN B 156 39.26 -0.10 -28.24
N ALA B 157 38.96 0.41 -27.03
CA ALA B 157 39.99 0.99 -26.17
C ALA B 157 40.90 -0.14 -25.69
N LYS B 158 42.17 0.22 -25.45
CA LYS B 158 43.18 -0.70 -24.86
C LYS B 158 43.00 -0.68 -23.34
N PRO B 159 43.31 -1.81 -22.69
CA PRO B 159 43.30 -1.78 -21.24
C PRO B 159 44.36 -0.83 -20.71
N GLY B 160 44.28 -0.53 -19.43
CA GLY B 160 45.30 0.27 -18.73
C GLY B 160 44.71 1.31 -17.78
N ILE B 161 45.59 2.09 -17.16
CA ILE B 161 45.20 3.13 -16.22
C ILE B 161 45.35 4.44 -16.96
N TYR B 162 44.23 5.15 -17.12
CA TYR B 162 44.19 6.36 -17.95
C TYR B 162 44.12 7.59 -17.06
N ASN B 163 44.79 8.67 -17.44
CA ASN B 163 44.76 9.91 -16.68
C ASN B 163 44.36 11.06 -17.59
N GLY B 164 43.72 12.05 -17.01
CA GLY B 164 43.25 13.17 -17.72
C GLY B 164 42.71 14.14 -16.72
N SER B 165 42.22 15.26 -17.19
CA SER B 165 41.80 16.25 -16.22
C SER B 165 40.55 16.97 -16.70
N ILE B 166 39.81 17.51 -15.71
CA ILE B 166 38.70 18.40 -15.98
C ILE B 166 38.93 19.80 -15.37
N GLU B 167 38.67 20.81 -16.20
CA GLU B 167 38.99 22.18 -15.90
C GLU B 167 37.77 23.09 -15.88
N VAL B 168 37.61 23.82 -14.80
CA VAL B 168 36.52 24.75 -14.66
C VAL B 168 37.11 26.12 -14.76
N THR B 169 36.57 26.92 -15.68
CA THR B 169 36.91 28.34 -15.85
C THR B 169 35.62 29.16 -15.78
N ALA B 170 35.75 30.42 -15.39
CA ALA B 170 34.66 31.39 -15.39
C ALA B 170 35.26 32.80 -15.57
N ASP B 171 34.45 33.77 -16.04
CA ASP B 171 34.88 35.15 -16.23
C ASP B 171 35.53 35.77 -14.98
N GLU B 172 34.82 35.69 -13.86
CA GLU B 172 35.22 36.36 -12.61
C GLU B 172 36.17 35.49 -11.77
N LEU B 173 36.82 34.50 -12.37
CA LEU B 173 37.63 33.57 -11.58
C LEU B 173 39.09 33.69 -11.98
N GLU B 174 39.94 34.15 -11.06
CA GLU B 174 41.34 34.44 -11.37
C GLU B 174 42.06 33.15 -11.75
N LYS B 175 41.95 32.09 -10.94
CA LYS B 175 42.55 30.76 -11.26
C LYS B 175 41.53 29.62 -11.48
N SER B 176 41.69 28.91 -12.60
CA SER B 176 40.95 27.66 -12.90
C SER B 176 41.02 26.60 -11.84
N TYR B 177 39.99 25.78 -11.73
CA TYR B 177 40.14 24.52 -11.03
C TYR B 177 40.57 23.49 -12.05
N THR B 178 41.42 22.54 -11.62
CA THR B 178 41.82 21.43 -12.44
C THR B 178 41.54 20.20 -11.58
N PHE B 179 40.66 19.31 -12.04
CA PHE B 179 40.33 18.11 -11.28
C PHE B 179 41.01 16.94 -11.94
N ASP B 180 41.66 16.10 -11.14
CA ASP B 180 42.37 14.93 -11.64
C ASP B 180 41.51 13.70 -11.71
N TYR B 181 41.23 13.27 -12.92
CA TYR B 181 40.42 12.12 -13.18
C TYR B 181 41.33 11.00 -13.67
N SER B 182 41.08 9.79 -13.22
CA SER B 182 41.64 8.63 -13.85
C SER B 182 40.69 7.49 -13.75
N PHE B 183 40.88 6.50 -14.60
CA PHE B 183 40.17 5.23 -14.50
C PHE B 183 41.01 4.10 -15.06
N GLU B 184 40.75 2.90 -14.58
CA GLU B 184 41.41 1.73 -15.08
C GLU B 184 40.43 1.00 -16.00
N VAL B 185 40.86 0.74 -17.23
CA VAL B 185 40.15 -0.13 -18.15
C VAL B 185 40.71 -1.55 -18.01
N LEU B 186 39.90 -2.43 -17.47
CA LEU B 186 40.15 -3.85 -17.44
C LEU B 186 40.02 -4.43 -18.82
N ASN B 187 40.77 -5.49 -19.07
CA ASN B 187 40.78 -6.13 -20.36
C ASN B 187 39.68 -7.13 -20.59
N LEU B 188 38.44 -6.67 -20.48
CA LEU B 188 37.23 -7.43 -20.85
C LEU B 188 36.26 -6.45 -21.47
N VAL B 189 35.41 -6.95 -22.35
CA VAL B 189 34.56 -6.07 -23.16
C VAL B 189 33.13 -6.10 -22.57
N GLN B 190 32.61 -4.94 -22.24
CA GLN B 190 31.23 -4.82 -21.81
C GLN B 190 30.27 -5.40 -22.91
N PRO B 191 29.46 -6.39 -22.58
CA PRO B 191 28.58 -6.95 -23.58
C PRO B 191 27.67 -5.91 -24.23
N LEU B 192 27.42 -6.09 -25.53
CA LEU B 192 26.35 -5.36 -26.17
C LEU B 192 25.02 -5.91 -25.67
N PRO B 193 23.98 -5.06 -25.61
CA PRO B 193 22.67 -5.46 -25.09
C PRO B 193 22.14 -6.77 -25.73
N SER B 194 22.23 -6.85 -27.06
CA SER B 194 21.96 -8.09 -27.79
C SER B 194 22.69 -9.34 -27.32
N GLU B 195 23.86 -9.18 -26.71
CA GLU B 195 24.65 -10.32 -26.23
C GLU B 195 24.30 -10.84 -24.84
N THR B 196 23.35 -10.20 -24.17
CA THR B 196 23.02 -10.50 -22.79
C THR B 196 21.66 -11.15 -22.77
N ASN B 197 21.30 -11.67 -21.61
N ASN B 197 21.24 -11.70 -21.65
CA ASN B 197 19.95 -12.20 -21.37
CA ASN B 197 19.82 -12.09 -21.52
C ASN B 197 19.13 -11.31 -20.41
C ASN B 197 19.06 -11.28 -20.46
N THR B 198 19.46 -10.02 -20.33
CA THR B 198 18.75 -9.11 -19.49
C THR B 198 17.49 -8.58 -20.19
N GLN B 199 16.37 -8.62 -19.48
CA GLN B 199 15.10 -8.18 -19.97
C GLN B 199 14.83 -6.80 -19.37
N ILE B 200 14.56 -5.84 -20.26
CA ILE B 200 14.14 -4.49 -19.83
C ILE B 200 12.87 -4.08 -20.61
N GLU B 201 11.88 -3.60 -19.87
CA GLU B 201 10.65 -3.10 -20.46
C GLU B 201 10.26 -1.83 -19.76
N PHE B 202 10.34 -0.71 -20.47
CA PHE B 202 9.76 0.55 -20.01
C PHE B 202 8.61 0.96 -20.95
N TRP B 203 7.50 1.39 -20.39
CA TRP B 203 6.32 1.66 -21.22
C TRP B 203 6.41 3.05 -21.84
N GLN B 204 6.37 3.05 -23.16
CA GLN B 204 6.38 4.26 -23.98
C GLN B 204 4.91 4.77 -24.21
N HIS B 205 4.75 6.08 -24.37
CA HIS B 205 3.47 6.77 -24.59
C HIS B 205 3.65 7.74 -25.77
N PRO B 206 3.61 7.20 -27.01
CA PRO B 206 3.86 8.05 -28.16
C PRO B 206 2.83 9.17 -28.42
N TYR B 207 1.59 9.01 -27.95
CA TYR B 207 0.62 10.13 -28.06
C TYR B 207 0.88 11.25 -27.08
N THR B 208 1.56 10.97 -25.98
CA THR B 208 2.07 12.01 -25.08
C THR B 208 3.16 12.84 -25.74
N ILE B 209 4.04 12.17 -26.48
CA ILE B 209 5.08 12.85 -27.24
C ILE B 209 4.40 13.75 -28.24
N ALA B 210 3.37 13.23 -28.91
CA ALA B 210 2.60 14.00 -29.89
C ALA B 210 1.97 15.24 -29.27
N ARG B 211 1.30 15.08 -28.13
CA ARG B 211 0.74 16.26 -27.46
C ARG B 211 1.80 17.33 -27.11
N TYR B 212 2.88 16.90 -26.49
CA TYR B 212 3.91 17.85 -26.02
C TYR B 212 4.50 18.63 -27.19
N TYR B 213 4.79 17.92 -28.28
CA TYR B 213 5.41 18.55 -29.43
C TYR B 213 4.41 19.04 -30.54
N LYS B 214 3.12 19.14 -30.20
CA LYS B 214 2.12 19.81 -30.99
C LYS B 214 1.91 19.13 -32.34
N ILE B 215 1.89 17.80 -32.31
CA ILE B 215 1.65 17.00 -33.48
C ILE B 215 0.11 16.84 -33.55
N CYS B 216 -0.53 17.25 -34.64
CA CYS B 216 -2.00 17.17 -34.76
C CYS B 216 -2.46 15.72 -35.14
N LYS B 217 -3.76 15.39 -34.98
CA LYS B 217 -4.32 14.06 -35.27
C LYS B 217 -3.87 13.46 -36.60
N GLU B 218 -3.95 14.27 -37.64
CA GLU B 218 -3.63 13.81 -39.01
C GLU B 218 -2.15 13.40 -39.15
N ASP B 219 -1.28 13.96 -38.34
CA ASP B 219 0.14 13.70 -38.44
C ASP B 219 0.62 12.57 -37.47
N LEU B 220 -0.30 11.99 -36.70
CA LEU B 220 0.10 10.89 -35.79
C LEU B 220 0.69 9.74 -36.61
N PHE B 221 1.86 9.31 -36.20
CA PHE B 221 2.58 8.20 -36.75
C PHE B 221 3.04 8.41 -38.22
N THR B 222 3.28 9.68 -38.56
CA THR B 222 3.89 10.13 -39.79
C THR B 222 5.31 10.58 -39.45
N GLU B 223 6.07 10.90 -40.48
CA GLU B 223 7.43 11.38 -40.33
C GLU B 223 7.49 12.49 -39.33
N LYS B 224 6.59 13.45 -39.43
CA LYS B 224 6.59 14.56 -38.46
C LYS B 224 6.59 14.15 -36.97
N HIS B 225 5.81 13.11 -36.67
CA HIS B 225 5.75 12.53 -35.34
C HIS B 225 7.06 11.75 -35.04
N PHE B 226 7.47 10.91 -35.96
CA PHE B 226 8.67 10.10 -35.80
C PHE B 226 9.95 10.92 -35.47
N LYS B 227 10.03 12.13 -36.03
CA LYS B 227 11.12 13.07 -35.73
C LYS B 227 11.32 13.31 -34.22
N TYR B 228 10.22 13.18 -33.44
CA TYR B 228 10.26 13.29 -32.00
C TYR B 228 10.34 11.99 -31.23
N LEU B 229 10.30 10.87 -31.95
CA LEU B 229 10.34 9.54 -31.30
C LEU B 229 11.69 8.83 -31.36
N ARG B 230 12.38 8.97 -32.49
CA ARG B 230 13.52 8.12 -32.75
C ARG B 230 14.65 8.28 -31.74
N GLY B 231 14.95 9.51 -31.32
CA GLY B 231 16.03 9.74 -30.39
C GLY B 231 15.79 8.99 -29.06
N ASN B 232 14.60 9.10 -28.46
CA ASN B 232 14.40 8.50 -27.17
C ASN B 232 14.26 6.96 -27.29
N LEU B 233 13.71 6.47 -28.42
CA LEU B 233 13.62 5.04 -28.69
C LEU B 233 15.02 4.41 -28.90
N LYS B 234 15.88 5.16 -29.57
N LYS B 234 15.88 5.16 -29.58
CA LYS B 234 17.29 4.84 -29.69
CA LYS B 234 17.29 4.86 -29.68
C LYS B 234 17.95 4.71 -28.32
C LYS B 234 17.94 4.71 -28.31
N GLU B 235 17.76 5.72 -27.46
CA GLU B 235 18.28 5.69 -26.09
C GLU B 235 17.78 4.43 -25.33
N TYR B 236 16.49 4.15 -25.43
CA TYR B 236 15.91 2.96 -24.80
C TYR B 236 16.62 1.64 -25.28
N ARG B 237 16.72 1.52 -26.60
N ARG B 237 16.74 1.48 -26.60
CA ARG B 237 17.32 0.40 -27.24
CA ARG B 237 17.34 0.29 -27.18
C ARG B 237 18.74 0.17 -26.78
C ARG B 237 18.76 0.15 -26.73
N ASN B 238 19.51 1.25 -26.77
CA ASN B 238 20.91 1.17 -26.40
C ASN B 238 21.18 0.80 -24.94
N MET B 239 20.23 1.07 -24.03
CA MET B 239 20.44 0.72 -22.63
C MET B 239 19.94 -0.70 -22.35
N GLY B 240 19.39 -1.39 -23.35
CA GLY B 240 18.82 -2.75 -23.15
C GLY B 240 17.32 -2.99 -23.36
N GLY B 241 16.60 -1.95 -23.76
CA GLY B 241 15.12 -2.02 -23.90
C GLY B 241 14.76 -3.09 -24.89
N ARG B 242 13.80 -3.92 -24.50
CA ARG B 242 13.26 -4.99 -25.34
C ARG B 242 11.73 -5.00 -25.52
N GLY B 243 11.00 -4.60 -24.48
CA GLY B 243 9.55 -4.57 -24.49
C GLY B 243 9.00 -3.27 -25.10
N VAL B 244 7.98 -3.43 -25.92
CA VAL B 244 7.32 -2.33 -26.59
C VAL B 244 5.84 -2.52 -26.32
N ILE B 245 5.27 -1.56 -25.56
CA ILE B 245 3.86 -1.59 -25.24
C ILE B 245 3.04 -0.94 -26.36
N ALA B 246 1.84 -1.48 -26.56
CA ALA B 246 0.88 -0.99 -27.55
C ALA B 246 -0.52 -1.22 -27.00
N THR B 247 -1.32 -0.15 -26.94
CA THR B 247 -2.71 -0.25 -26.49
C THR B 247 -3.59 -0.84 -27.55
N ILE B 248 -4.52 -1.70 -27.13
CA ILE B 248 -5.43 -2.35 -28.01
C ILE B 248 -6.87 -2.04 -27.72
N VAL B 249 -7.21 -1.41 -26.57
CA VAL B 249 -8.49 -0.77 -26.40
C VAL B 249 -8.29 0.71 -26.03
N HIS B 250 -9.38 1.45 -26.14
CA HIS B 250 -9.42 2.85 -25.73
C HIS B 250 -9.25 3.09 -24.20
N GLU B 251 -8.47 4.12 -23.86
CA GLU B 251 -8.28 4.62 -22.51
C GLU B 251 -8.11 3.47 -21.48
N ALA B 252 -7.21 2.54 -21.78
CA ALA B 252 -7.14 1.28 -21.05
C ALA B 252 -6.75 1.43 -19.56
N TRP B 253 -6.20 2.59 -19.16
CA TRP B 253 -5.83 2.83 -17.79
C TRP B 253 -6.75 3.85 -17.16
N ASN B 254 -7.92 4.07 -17.73
CA ASN B 254 -8.88 5.00 -17.19
C ASN B 254 -8.35 6.42 -16.98
N HIS B 255 -7.47 6.86 -17.89
CA HIS B 255 -6.89 8.18 -17.86
C HIS B 255 -6.12 8.46 -16.56
N GLN B 256 -5.44 7.46 -16.01
CA GLN B 256 -4.64 7.69 -14.82
C GLN B 256 -3.60 8.83 -14.99
N SER B 257 -3.07 8.97 -16.20
CA SER B 257 -2.02 9.92 -16.50
C SER B 257 -2.55 11.25 -17.01
N TYR B 258 -1.62 12.19 -17.09
CA TYR B 258 -1.88 13.55 -17.52
C TYR B 258 -2.51 13.58 -18.88
N ASP B 259 -1.93 12.83 -19.83
CA ASP B 259 -2.52 12.58 -21.13
C ASP B 259 -3.35 11.31 -21.11
N SER B 260 -4.39 11.36 -21.90
CA SER B 260 -5.22 10.24 -22.29
C SER B 260 -4.40 9.15 -22.92
N ASP B 261 -4.84 7.91 -22.77
CA ASP B 261 -4.22 6.80 -23.50
C ASP B 261 -5.13 6.32 -24.68
N PRO B 262 -4.88 6.85 -25.89
CA PRO B 262 -5.63 6.36 -27.03
C PRO B 262 -5.28 4.92 -27.34
N SER B 263 -6.21 4.23 -27.94
CA SER B 263 -5.97 2.92 -28.48
C SER B 263 -5.24 3.07 -29.80
N MET B 264 -4.30 2.17 -30.04
CA MET B 264 -3.60 2.04 -31.30
C MET B 264 -4.40 1.17 -32.29
N ILE B 265 -5.42 0.49 -31.78
CA ILE B 265 -6.36 -0.23 -32.58
C ILE B 265 -7.76 0.31 -32.34
N LYS B 266 -8.37 0.96 -33.36
CA LYS B 266 -9.73 1.54 -33.24
C LYS B 266 -10.77 0.46 -33.41
N TRP B 267 -11.70 0.34 -32.47
CA TRP B 267 -12.76 -0.67 -32.52
C TRP B 267 -14.02 -0.09 -33.11
N ARG B 268 -14.67 -0.83 -33.99
CA ARG B 268 -16.00 -0.43 -34.45
C ARG B 268 -16.89 -1.62 -34.57
N LYS B 269 -18.18 -1.31 -34.51
CA LYS B 269 -19.24 -2.28 -34.58
C LYS B 269 -20.05 -1.92 -35.82
N ASN B 270 -20.11 -2.85 -36.75
CA ASN B 270 -20.74 -2.55 -38.04
C ASN B 270 -22.24 -2.76 -37.91
N SER B 271 -22.98 -2.28 -38.92
CA SER B 271 -24.47 -2.46 -39.01
C SER B 271 -24.96 -3.88 -38.87
N TYR B 272 -24.17 -4.88 -39.24
CA TYR B 272 -24.55 -6.28 -38.90
C TYR B 272 -24.27 -6.71 -37.48
N GLY B 273 -23.63 -5.86 -36.69
CA GLY B 273 -23.44 -6.17 -35.27
C GLY B 273 -22.22 -6.99 -34.87
N THR B 274 -21.23 -7.12 -35.76
CA THR B 274 -19.94 -7.69 -35.36
C THR B 274 -18.85 -6.61 -35.41
N PHE B 275 -17.72 -6.94 -34.77
CA PHE B 275 -16.64 -5.96 -34.56
C PHE B 275 -15.55 -5.95 -35.64
N GLU B 276 -15.12 -4.77 -36.00
CA GLU B 276 -14.05 -4.59 -36.99
C GLU B 276 -12.97 -3.79 -36.31
N PHE B 277 -11.74 -3.87 -36.82
CA PHE B 277 -10.57 -3.31 -36.14
C PHE B 277 -9.72 -2.56 -37.12
N ASP B 278 -9.33 -1.33 -36.80
CA ASP B 278 -8.37 -0.57 -37.65
C ASP B 278 -7.02 -0.59 -36.92
N TYR B 279 -6.06 -1.37 -37.45
CA TYR B 279 -4.74 -1.53 -36.90
C TYR B 279 -3.75 -0.44 -37.35
N SER B 280 -4.21 0.66 -37.97
CA SER B 280 -3.28 1.60 -38.61
C SER B 280 -2.14 2.10 -37.73
N HIS B 281 -2.51 2.61 -36.56
CA HIS B 281 -1.57 3.24 -35.63
C HIS B 281 -0.64 2.20 -35.04
N PHE B 282 -1.22 1.11 -34.52
CA PHE B 282 -0.46 -0.07 -34.11
C PHE B 282 0.61 -0.49 -35.14
N ASP B 283 0.21 -0.74 -36.37
CA ASP B 283 1.18 -1.11 -37.44
C ASP B 283 2.32 -0.11 -37.59
N LYS B 284 2.00 1.16 -37.58
CA LYS B 284 3.06 2.20 -37.74
C LYS B 284 4.01 2.24 -36.53
N TRP B 285 3.45 2.11 -35.33
CA TRP B 285 4.22 2.10 -34.09
C TRP B 285 5.18 0.91 -34.08
N ILE B 286 4.65 -0.26 -34.34
CA ILE B 286 5.45 -1.47 -34.33
C ILE B 286 6.57 -1.48 -35.44
N GLN B 287 6.22 -1.01 -36.66
CA GLN B 287 7.21 -0.98 -37.74
C GLN B 287 8.34 0.00 -37.40
N LEU B 288 8.02 1.17 -36.86
CA LEU B 288 9.02 2.09 -36.31
C LEU B 288 10.04 1.40 -35.34
N ASN B 289 9.50 0.66 -34.39
CA ASN B 289 10.33 -0.08 -33.43
C ASN B 289 11.17 -1.25 -34.04
N ILE B 290 10.64 -1.88 -35.09
CA ILE B 290 11.41 -2.81 -35.94
C ILE B 290 12.50 -2.09 -36.69
N ASP B 291 12.15 -1.02 -37.39
CA ASP B 291 13.11 -0.19 -38.10
C ASP B 291 14.26 0.31 -37.25
N LEU B 292 14.00 0.72 -36.01
CA LEU B 292 15.07 1.10 -35.07
C LEU B 292 15.82 -0.06 -34.40
N GLY B 293 15.39 -1.29 -34.63
CA GLY B 293 16.01 -2.45 -34.07
C GLY B 293 15.63 -2.89 -32.67
N ILE B 294 14.52 -2.38 -32.14
CA ILE B 294 14.12 -2.77 -30.78
C ILE B 294 13.47 -4.11 -30.91
N LEU B 295 12.72 -4.30 -31.98
CA LEU B 295 12.03 -5.57 -32.22
C LEU B 295 12.57 -6.22 -33.48
N ASP B 296 12.71 -7.54 -33.46
CA ASP B 296 13.11 -8.29 -34.62
C ASP B 296 12.28 -9.54 -34.66
N PRO B 297 11.12 -9.46 -35.31
CA PRO B 297 10.25 -10.62 -35.37
C PRO B 297 10.86 -11.80 -36.11
N GLU B 298 11.75 -11.55 -37.07
CA GLU B 298 12.38 -12.63 -37.85
C GLU B 298 13.23 -13.44 -36.93
N LYS B 299 13.96 -12.80 -36.03
CA LYS B 299 14.83 -13.49 -35.08
C LYS B 299 14.25 -13.77 -33.70
N GLY B 300 13.04 -13.33 -33.45
CA GLY B 300 12.41 -13.63 -32.18
C GLY B 300 12.93 -12.72 -31.10
N PHE B 301 13.41 -11.51 -31.46
CA PHE B 301 13.96 -10.57 -30.50
C PHE B 301 12.92 -9.51 -30.15
N GLY B 302 12.82 -9.23 -28.84
CA GLY B 302 11.94 -8.20 -28.24
C GLY B 302 10.50 -8.68 -28.11
N GLN B 303 9.66 -7.82 -27.59
CA GLN B 303 8.27 -8.19 -27.38
C GLN B 303 7.34 -7.04 -27.69
N ILE B 304 6.20 -7.40 -28.26
CA ILE B 304 5.10 -6.50 -28.37
C ILE B 304 4.11 -6.86 -27.26
N LYS B 305 3.90 -5.91 -26.34
CA LYS B 305 3.00 -6.08 -25.17
C LYS B 305 1.67 -5.32 -25.40
N CYS B 306 0.60 -6.10 -25.59
CA CYS B 306 -0.67 -5.55 -26.01
C CYS B 306 -1.60 -5.36 -24.82
N TYR B 307 -1.75 -4.11 -24.41
CA TYR B 307 -2.48 -3.76 -23.17
C TYR B 307 -3.86 -3.26 -23.54
N SER B 308 -4.93 -3.93 -23.10
CA SER B 308 -4.93 -5.19 -22.30
C SER B 308 -6.24 -5.94 -22.59
N ILE B 309 -6.27 -7.23 -22.32
CA ILE B 309 -7.49 -8.02 -22.35
C ILE B 309 -8.32 -7.85 -21.07
N VAL B 310 -7.71 -7.26 -20.03
CA VAL B 310 -8.38 -6.78 -18.83
C VAL B 310 -8.03 -5.32 -18.61
N PRO B 311 -8.47 -4.45 -19.54
CA PRO B 311 -8.28 -3.02 -19.32
C PRO B 311 -9.19 -2.53 -18.19
N TRP B 312 -9.05 -1.28 -17.80
CA TRP B 312 -9.84 -0.78 -16.71
C TRP B 312 -11.35 -1.13 -16.73
N ASN B 313 -11.79 -1.78 -15.65
CA ASN B 313 -13.19 -2.13 -15.45
C ASN B 313 -13.82 -2.94 -16.60
N ASN B 314 -12.96 -3.63 -17.34
CA ASN B 314 -13.31 -4.31 -18.59
C ASN B 314 -13.94 -3.48 -19.70
N ARG B 315 -13.75 -2.17 -19.66
CA ARG B 315 -14.53 -1.28 -20.51
C ARG B 315 -13.93 -1.26 -21.93
N ILE B 316 -14.80 -1.50 -22.91
CA ILE B 316 -14.44 -1.37 -24.30
C ILE B 316 -15.26 -0.28 -24.92
N GLN B 317 -14.62 0.80 -25.32
CA GLN B 317 -15.31 1.82 -26.11
C GLN B 317 -15.06 1.57 -27.59
N TYR B 318 -16.09 1.80 -28.39
CA TYR B 318 -16.05 1.53 -29.85
C TYR B 318 -17.09 2.43 -30.58
N PHE B 319 -16.90 2.58 -31.89
CA PHE B 319 -17.81 3.36 -32.70
C PHE B 319 -18.90 2.47 -33.24
N ASN B 320 -20.16 2.77 -32.87
CA ASN B 320 -21.23 1.95 -33.36
C ASN B 320 -21.76 2.58 -34.63
N GLU B 321 -21.58 1.84 -35.72
CA GLU B 321 -21.97 2.35 -37.06
C GLU B 321 -23.46 2.33 -37.26
N ALA B 322 -24.17 1.39 -36.66
CA ALA B 322 -25.64 1.41 -36.72
C ALA B 322 -26.24 2.70 -36.10
N THR B 323 -25.71 3.21 -34.99
CA THR B 323 -26.24 4.41 -34.33
C THR B 323 -25.43 5.67 -34.62
N ASN B 324 -24.36 5.54 -35.39
CA ASN B 324 -23.46 6.65 -35.61
C ASN B 324 -22.89 7.34 -34.35
N LYS B 325 -22.75 6.59 -33.26
CA LYS B 325 -22.30 7.11 -31.96
C LYS B 325 -21.25 6.17 -31.37
N GLU B 326 -20.31 6.74 -30.56
CA GLU B 326 -19.48 6.00 -29.62
C GLU B 326 -20.34 5.34 -28.59
N GLU B 327 -20.03 4.10 -28.26
CA GLU B 327 -20.70 3.32 -27.24
C GLU B 327 -19.65 2.61 -26.42
N ALA B 328 -20.04 2.11 -25.26
CA ALA B 328 -19.16 1.28 -24.45
C ALA B 328 -19.86 0.12 -23.80
N ILE B 329 -19.13 -0.94 -23.55
CA ILE B 329 -19.60 -2.08 -22.79
C ILE B 329 -18.57 -2.54 -21.78
N ASN B 330 -18.96 -3.33 -20.81
CA ASN B 330 -18.14 -3.78 -19.65
C ASN B 330 -18.29 -5.26 -19.37
N PRO B 331 -18.11 -6.10 -20.38
CA PRO B 331 -18.38 -7.53 -20.12
C PRO B 331 -17.44 -8.18 -19.06
N THR B 332 -18.03 -9.03 -18.23
CA THR B 332 -17.35 -9.72 -17.17
C THR B 332 -16.54 -10.87 -17.78
N PRO B 333 -15.25 -10.93 -17.49
CA PRO B 333 -14.47 -12.00 -18.00
C PRO B 333 -15.08 -13.38 -17.72
N GLY B 334 -15.09 -14.22 -18.75
CA GLY B 334 -15.65 -15.56 -18.66
C GLY B 334 -17.10 -15.65 -19.02
N SER B 335 -17.80 -14.52 -19.09
CA SER B 335 -19.16 -14.49 -19.55
C SER B 335 -19.25 -14.86 -21.03
N ASP B 336 -20.47 -15.11 -21.54
CA ASP B 336 -20.64 -15.54 -22.93
C ASP B 336 -20.36 -14.40 -23.90
N LEU B 337 -20.87 -13.23 -23.56
CA LEU B 337 -20.63 -12.02 -24.33
C LEU B 337 -19.14 -11.71 -24.41
N TRP B 338 -18.43 -11.93 -23.29
CA TRP B 338 -17.02 -11.57 -23.17
C TRP B 338 -16.19 -12.52 -24.00
N ILE B 339 -16.50 -13.82 -23.90
CA ILE B 339 -15.89 -14.80 -24.75
C ILE B 339 -16.10 -14.44 -26.21
N ASN B 340 -17.33 -14.10 -26.56
CA ASN B 340 -17.69 -13.77 -27.90
C ASN B 340 -16.86 -12.59 -28.43
N ILE B 341 -16.87 -11.50 -27.72
CA ILE B 341 -16.20 -10.27 -28.18
C ILE B 341 -14.68 -10.44 -28.28
N TRP B 342 -14.12 -11.09 -27.29
CA TRP B 342 -12.68 -11.26 -27.24
C TRP B 342 -12.20 -12.31 -28.23
N THR B 343 -13.07 -13.26 -28.58
CA THR B 343 -12.71 -14.20 -29.65
C THR B 343 -12.64 -13.44 -30.96
N GLN B 344 -13.57 -12.52 -31.17
CA GLN B 344 -13.56 -11.73 -32.37
C GLN B 344 -12.23 -10.96 -32.44
N PHE B 345 -11.83 -10.33 -31.35
CA PHE B 345 -10.65 -9.50 -31.40
C PHE B 345 -9.46 -10.39 -31.63
N LEU B 346 -9.37 -11.49 -30.90
CA LEU B 346 -8.17 -12.26 -30.91
C LEU B 346 -7.94 -13.03 -32.19
N THR B 347 -9.02 -13.54 -32.79
N THR B 347 -8.97 -13.54 -32.84
CA THR B 347 -8.99 -14.22 -34.08
CA THR B 347 -8.78 -14.23 -34.12
C THR B 347 -8.47 -13.25 -35.15
C THR B 347 -8.43 -13.23 -35.20
N SER B 348 -9.10 -12.09 -35.22
CA SER B 348 -8.75 -11.05 -36.19
C SER B 348 -7.30 -10.54 -36.00
N PHE B 349 -6.92 -10.28 -34.76
CA PHE B 349 -5.56 -9.81 -34.44
C PHE B 349 -4.50 -10.87 -34.76
N MET B 350 -4.79 -12.12 -34.43
CA MET B 350 -3.83 -13.20 -34.78
C MET B 350 -3.54 -13.21 -36.30
N SER B 351 -4.61 -13.22 -37.09
CA SER B 351 -4.53 -13.16 -38.58
C SER B 351 -3.74 -12.00 -39.10
N HIS B 352 -4.06 -10.81 -38.58
CA HIS B 352 -3.34 -9.59 -38.92
C HIS B 352 -1.83 -9.72 -38.64
N LEU B 353 -1.49 -10.27 -37.47
CA LEU B 353 -0.09 -10.39 -37.10
C LEU B 353 0.64 -11.48 -37.90
N GLU B 354 -0.04 -12.58 -38.23
N GLU B 354 -0.06 -12.58 -38.22
CA GLU B 354 0.57 -13.57 -39.11
CA GLU B 354 0.49 -13.63 -39.09
C GLU B 354 0.83 -13.03 -40.49
C GLU B 354 0.83 -13.04 -40.46
N GLU B 355 -0.07 -12.23 -41.01
CA GLU B 355 0.18 -11.57 -42.30
C GLU B 355 1.44 -10.68 -42.27
N LYS B 356 1.69 -10.01 -41.16
CA LYS B 356 2.86 -9.15 -41.03
C LYS B 356 4.12 -9.92 -40.66
N GLY B 357 4.00 -11.16 -40.17
CA GLY B 357 5.17 -11.85 -39.56
C GLY B 357 5.54 -11.48 -38.13
N TRP B 358 4.61 -10.88 -37.37
CA TRP B 358 4.85 -10.43 -35.99
C TRP B 358 4.30 -11.29 -34.82
N PHE B 359 3.56 -12.35 -35.17
CA PHE B 359 2.84 -13.12 -34.21
C PHE B 359 3.73 -13.74 -33.11
N ASN B 360 4.89 -14.24 -33.50
CA ASN B 360 5.75 -14.99 -32.61
C ASN B 360 6.29 -14.16 -31.43
N ILE B 361 6.40 -12.83 -31.59
CA ILE B 361 6.92 -11.95 -30.55
C ILE B 361 5.83 -11.14 -29.84
N THR B 362 4.56 -11.46 -30.05
CA THR B 362 3.44 -10.71 -29.53
C THR B 362 2.85 -11.41 -28.30
N TYR B 363 2.57 -10.60 -27.28
CA TYR B 363 2.05 -11.06 -26.02
C TYR B 363 0.79 -10.27 -25.74
N ILE B 364 -0.25 -10.95 -25.26
CA ILE B 364 -1.44 -10.30 -24.77
C ILE B 364 -1.17 -10.01 -23.28
N SER B 365 -1.29 -8.75 -22.89
CA SER B 365 -1.08 -8.32 -21.52
C SER B 365 -2.35 -8.35 -20.69
N MET B 366 -2.24 -8.94 -19.51
CA MET B 366 -3.25 -8.85 -18.48
C MET B 366 -2.83 -7.73 -17.53
N ASP B 367 -3.35 -7.77 -16.31
CA ASP B 367 -2.84 -6.92 -15.22
C ASP B 367 -3.14 -7.57 -13.86
N GLU B 368 -2.88 -6.86 -12.77
CA GLU B 368 -3.17 -7.39 -11.43
C GLU B 368 -4.68 -7.34 -11.13
N ARG B 369 -5.41 -8.35 -11.53
CA ARG B 369 -6.87 -8.36 -11.43
C ARG B 369 -7.23 -9.59 -10.63
N SER B 370 -8.51 -9.77 -10.30
CA SER B 370 -8.91 -10.96 -9.59
C SER B 370 -8.50 -12.21 -10.36
N MET B 371 -8.11 -13.23 -9.60
CA MET B 371 -7.65 -14.46 -10.20
C MET B 371 -8.78 -15.06 -11.02
N ASP B 372 -10.04 -14.81 -10.69
CA ASP B 372 -11.13 -15.32 -11.55
C ASP B 372 -11.02 -14.72 -12.97
N ASP B 373 -10.75 -13.44 -13.02
CA ASP B 373 -10.61 -12.75 -14.31
C ASP B 373 -9.40 -13.28 -15.03
N LEU B 374 -8.29 -13.44 -14.34
CA LEU B 374 -7.07 -13.92 -14.99
C LEU B 374 -7.20 -15.35 -15.49
N LYS B 375 -7.90 -16.21 -14.71
CA LYS B 375 -8.17 -17.57 -15.20
C LYS B 375 -9.02 -17.53 -16.49
N ALA B 376 -10.06 -16.72 -16.52
CA ALA B 376 -10.86 -16.62 -17.73
C ALA B 376 -10.01 -16.14 -18.95
N CYS B 377 -9.00 -15.28 -18.70
CA CYS B 377 -8.13 -14.79 -19.78
C CYS B 377 -7.21 -15.88 -20.33
N VAL B 378 -6.47 -16.50 -19.42
CA VAL B 378 -5.53 -17.52 -19.77
C VAL B 378 -6.28 -18.71 -20.46
N ASP B 379 -7.46 -19.10 -19.95
CA ASP B 379 -8.32 -20.11 -20.62
C ASP B 379 -8.73 -19.69 -22.05
N LEU B 380 -9.18 -18.47 -22.25
CA LEU B 380 -9.56 -18.05 -23.57
C LEU B 380 -8.35 -18.02 -24.53
N ILE B 381 -7.28 -17.37 -24.08
CA ILE B 381 -6.13 -17.17 -24.92
C ILE B 381 -5.61 -18.56 -25.37
N GLU B 382 -5.58 -19.52 -24.45
CA GLU B 382 -5.07 -20.85 -24.76
C GLU B 382 -5.92 -21.54 -25.82
N ASN B 383 -7.22 -21.27 -25.82
CA ASN B 383 -8.16 -21.84 -26.80
C ASN B 383 -8.31 -21.18 -28.19
N ILE B 384 -7.59 -20.12 -28.44
CA ILE B 384 -7.51 -19.53 -29.75
C ILE B 384 -6.10 -19.80 -30.33
N THR B 385 -6.02 -20.79 -31.19
CA THR B 385 -4.72 -21.20 -31.76
C THR B 385 -4.72 -20.99 -33.26
N ASN B 386 -3.53 -20.75 -33.83
CA ASN B 386 -3.29 -20.91 -35.27
C ASN B 386 -3.31 -22.39 -35.65
N ASN B 387 -3.04 -22.68 -36.93
CA ASN B 387 -3.18 -24.04 -37.41
C ASN B 387 -2.10 -25.01 -36.86
N SER B 388 -0.98 -24.45 -36.40
CA SER B 388 0.08 -25.17 -35.69
C SER B 388 -0.13 -25.30 -34.21
N TYR B 389 -1.36 -25.09 -33.75
CA TYR B 389 -1.69 -25.16 -32.33
C TYR B 389 -1.04 -24.08 -31.45
N GLU B 390 -0.59 -22.98 -32.05
CA GLU B 390 0.10 -21.95 -31.27
C GLU B 390 -0.91 -20.89 -30.87
N HIS B 391 -0.86 -20.52 -29.61
CA HIS B 391 -1.72 -19.44 -29.10
C HIS B 391 -0.88 -18.24 -28.76
N PHE B 392 -1.54 -17.10 -28.52
CA PHE B 392 -0.80 -15.92 -28.20
C PHE B 392 0.03 -16.15 -26.90
N LYS B 393 1.22 -15.58 -26.86
CA LYS B 393 1.92 -15.43 -25.59
C LYS B 393 1.17 -14.46 -24.65
N ILE B 394 1.50 -14.55 -23.35
CA ILE B 394 0.79 -13.85 -22.28
C ILE B 394 1.80 -13.19 -21.37
N SER B 395 1.51 -11.95 -20.99
CA SER B 395 2.35 -11.15 -20.15
C SER B 395 1.47 -10.56 -19.06
N SER B 396 2.00 -10.39 -17.86
CA SER B 396 1.24 -9.75 -16.78
C SER B 396 2.08 -9.39 -15.60
N ALA B 397 1.91 -8.18 -15.14
CA ALA B 397 2.17 -7.84 -13.73
C ALA B 397 1.39 -8.82 -12.85
N MET B 398 2.02 -9.35 -11.80
CA MET B 398 1.37 -10.29 -10.89
C MET B 398 1.70 -10.06 -9.46
N ASP B 399 0.72 -10.27 -8.57
CA ASP B 399 0.92 -10.16 -7.09
C ASP B 399 1.32 -11.48 -6.46
N TYR B 400 2.52 -11.96 -6.84
CA TYR B 400 3.13 -13.16 -6.26
C TYR B 400 4.03 -12.78 -5.08
N GLU B 401 3.74 -13.41 -3.94
CA GLU B 401 4.41 -13.20 -2.63
C GLU B 401 4.96 -14.49 -1.95
N SER B 402 4.18 -15.57 -2.01
CA SER B 402 4.56 -16.86 -1.44
C SER B 402 3.86 -18.05 -2.11
N GLY B 403 4.33 -19.24 -1.76
CA GLY B 403 3.80 -20.48 -2.28
C GLY B 403 4.63 -21.01 -3.43
N ASN B 404 4.64 -22.32 -3.54
CA ASN B 404 5.41 -22.97 -4.62
C ASN B 404 4.51 -23.70 -5.60
N ASP B 405 3.23 -23.35 -5.61
CA ASP B 405 2.34 -23.79 -6.65
C ASP B 405 2.52 -22.85 -7.85
N TYR B 406 3.14 -23.35 -8.90
CA TYR B 406 3.42 -22.56 -10.11
C TYR B 406 2.54 -23.01 -11.27
N SER B 407 1.47 -23.77 -10.97
CA SER B 407 0.62 -24.33 -12.01
C SER B 407 -0.08 -23.24 -12.83
N PHE B 408 -0.50 -22.14 -12.22
CA PHE B 408 -1.07 -21.05 -13.01
C PHE B 408 0.09 -20.18 -13.60
N LEU B 409 1.05 -19.78 -12.79
CA LEU B 409 2.11 -18.88 -13.28
C LEU B 409 2.90 -19.35 -14.51
N ASP B 410 3.14 -20.65 -14.58
CA ASP B 410 3.74 -21.31 -15.73
C ASP B 410 3.02 -21.14 -17.06
N ARG B 411 1.72 -20.88 -17.06
CA ARG B 411 0.91 -20.59 -18.25
C ARG B 411 1.08 -19.18 -18.76
N ILE B 412 1.91 -18.39 -18.10
CA ILE B 412 2.10 -16.97 -18.40
C ILE B 412 3.54 -16.81 -18.78
N ASP B 413 3.78 -16.30 -19.96
CA ASP B 413 5.11 -16.27 -20.53
C ASP B 413 6.07 -15.27 -19.91
N ASP B 414 5.57 -14.12 -19.43
CA ASP B 414 6.43 -13.05 -18.87
C ASP B 414 5.64 -12.42 -17.74
N ILE B 415 6.18 -12.45 -16.52
CA ILE B 415 5.50 -11.80 -15.38
C ILE B 415 6.40 -10.79 -14.77
N SER B 416 5.79 -9.80 -14.14
CA SER B 416 6.50 -8.75 -13.42
C SER B 416 5.93 -8.63 -11.99
N ILE B 417 6.84 -8.65 -11.02
CA ILE B 417 6.49 -8.59 -9.61
C ILE B 417 6.94 -7.25 -9.03
N GLY B 418 5.98 -6.53 -8.46
CA GLY B 418 6.24 -5.27 -7.74
C GLY B 418 7.16 -5.44 -6.56
N LEU B 419 8.12 -4.53 -6.43
CA LEU B 419 9.05 -4.56 -5.28
C LEU B 419 8.32 -4.69 -3.90
N SER B 420 7.24 -3.95 -3.72
N SER B 420 7.24 -3.93 -3.75
CA SER B 420 6.54 -3.97 -2.45
CA SER B 420 6.39 -3.97 -2.57
C SER B 420 5.83 -5.31 -2.16
C SER B 420 5.92 -5.34 -2.17
N HIS B 421 5.69 -6.21 -3.15
CA HIS B 421 5.18 -7.54 -2.88
C HIS B 421 6.26 -8.56 -2.55
N ILE B 422 7.52 -8.16 -2.60
CA ILE B 422 8.58 -9.14 -2.41
C ILE B 422 9.05 -9.12 -0.92
N ASN B 423 8.95 -10.31 -0.28
CA ASN B 423 9.43 -10.52 1.10
C ASN B 423 10.91 -10.76 1.02
N HIS B 424 11.68 -9.79 1.49
CA HIS B 424 13.13 -9.96 1.50
C HIS B 424 13.70 -11.17 2.26
N ASN B 425 13.07 -11.50 3.37
CA ASN B 425 13.59 -12.56 4.18
C ASN B 425 13.05 -13.94 3.84
N SER B 426 12.60 -14.13 2.63
CA SER B 426 12.11 -15.40 2.16
C SER B 426 12.84 -15.71 0.83
N ASP B 427 13.04 -16.98 0.53
CA ASP B 427 13.49 -17.40 -0.80
C ASP B 427 12.34 -17.68 -1.76
N ASP B 428 11.10 -17.43 -1.33
CA ASP B 428 9.94 -17.72 -2.16
C ASP B 428 10.03 -17.10 -3.55
N MET B 429 10.47 -15.84 -3.62
CA MET B 429 10.50 -15.13 -4.93
C MET B 429 11.60 -15.73 -5.80
N LYS B 430 12.78 -15.85 -5.22
CA LYS B 430 13.98 -16.43 -5.91
C LYS B 430 13.66 -17.81 -6.43
N ASN B 431 13.00 -18.64 -5.64
CA ASN B 431 12.64 -19.99 -6.09
C ASN B 431 11.59 -19.99 -7.19
N MET B 432 10.59 -19.14 -7.04
CA MET B 432 9.62 -18.93 -8.12
C MET B 432 10.32 -18.54 -9.43
N ALA B 433 11.24 -17.58 -9.34
CA ALA B 433 11.95 -17.08 -10.55
C ALA B 433 12.91 -18.12 -11.17
N THR B 434 13.64 -18.83 -10.32
CA THR B 434 14.49 -19.95 -10.76
C THR B 434 13.71 -21.01 -11.54
N HIS B 435 12.53 -21.39 -11.03
CA HIS B 435 11.69 -22.34 -11.77
C HIS B 435 11.36 -21.78 -13.17
N ARG B 436 11.01 -20.48 -13.24
CA ARG B 436 10.69 -19.85 -14.56
C ARG B 436 11.90 -19.84 -15.49
N GLN B 437 13.08 -19.56 -14.95
CA GLN B 437 14.29 -19.58 -15.78
C GLN B 437 14.50 -20.96 -16.36
N GLU B 438 14.30 -22.03 -15.57
CA GLU B 438 14.46 -23.39 -16.07
C GLU B 438 13.44 -23.70 -17.18
N LEU B 439 12.23 -23.14 -17.12
CA LEU B 439 11.28 -23.31 -18.21
C LEU B 439 11.56 -22.35 -19.38
N GLY B 440 12.54 -21.48 -19.28
CA GLY B 440 12.70 -20.48 -20.34
C GLY B 440 11.59 -19.43 -20.35
N LEU B 441 10.96 -19.14 -19.21
CA LEU B 441 9.94 -18.10 -19.12
C LEU B 441 10.61 -16.83 -18.62
N LEU B 442 9.98 -15.69 -18.87
CA LEU B 442 10.58 -14.40 -18.52
C LEU B 442 10.01 -13.95 -17.18
N THR B 443 10.83 -13.28 -16.39
CA THR B 443 10.40 -12.75 -15.09
C THR B 443 11.11 -11.42 -14.87
N THR B 444 10.40 -10.41 -14.37
CA THR B 444 11.05 -9.13 -13.94
C THR B 444 10.55 -8.68 -12.57
N ILE B 445 11.13 -7.61 -12.03
CA ILE B 445 10.57 -6.87 -10.93
C ILE B 445 10.21 -5.47 -11.46
N TYR B 446 9.29 -4.77 -10.82
CA TYR B 446 9.02 -3.36 -11.16
C TYR B 446 8.98 -2.52 -9.92
N THR B 447 9.21 -1.22 -10.07
CA THR B 447 8.88 -0.25 -9.01
C THR B 447 7.86 0.73 -9.53
N CYS B 448 7.19 1.39 -8.60
CA CYS B 448 6.07 2.31 -8.94
C CYS B 448 5.82 3.26 -7.75
N THR B 449 4.68 3.96 -7.77
CA THR B 449 4.25 4.82 -6.65
C THR B 449 4.32 4.01 -5.35
N GLY B 450 4.88 4.60 -4.28
CA GLY B 450 4.89 3.94 -2.97
C GLY B 450 6.03 2.98 -2.72
N ASP B 451 6.92 2.75 -3.69
CA ASP B 451 8.02 1.87 -3.49
C ASP B 451 9.20 2.69 -2.97
N TYR B 452 10.04 1.99 -2.19
CA TYR B 452 11.36 2.45 -1.80
C TYR B 452 12.25 1.25 -1.69
N PRO B 453 13.41 1.23 -2.37
CA PRO B 453 13.87 2.19 -3.38
C PRO B 453 13.00 2.33 -4.64
N SER B 454 13.14 3.47 -5.30
CA SER B 454 12.43 3.72 -6.51
C SER B 454 13.16 4.71 -7.44
N SER B 455 12.39 5.25 -8.40
CA SER B 455 12.95 6.08 -9.44
C SER B 455 12.12 7.33 -9.61
N PHE B 456 11.97 8.11 -8.55
CA PHE B 456 11.25 9.37 -8.58
C PHE B 456 12.24 10.53 -8.62
N THR B 457 11.73 11.72 -8.96
CA THR B 457 12.50 12.98 -8.89
C THR B 457 13.15 13.23 -7.52
N ILE B 458 12.41 12.93 -6.47
CA ILE B 458 12.91 13.10 -5.10
C ILE B 458 13.87 11.99 -4.65
N SER B 459 14.06 10.95 -5.45
CA SER B 459 14.78 9.75 -5.00
C SER B 459 16.27 10.08 -5.05
N ASP B 460 17.05 9.32 -4.28
CA ASP B 460 18.47 9.26 -4.61
C ASP B 460 18.59 8.51 -5.95
N PRO B 461 19.38 9.05 -6.89
CA PRO B 461 19.57 8.31 -8.12
C PRO B 461 20.12 6.92 -7.95
N SER B 462 21.05 6.68 -7.03
CA SER B 462 21.55 5.33 -6.83
C SER B 462 20.49 4.32 -6.48
N GLU B 463 19.32 4.74 -6.05
CA GLU B 463 18.24 3.77 -5.86
C GLU B 463 17.98 2.97 -7.13
N GLY B 464 18.23 3.60 -8.27
CA GLY B 464 18.10 2.92 -9.55
C GLY B 464 19.04 1.74 -9.70
N ALA B 465 20.31 1.97 -9.39
CA ALA B 465 21.31 0.93 -9.53
C ALA B 465 21.01 -0.22 -8.56
N PHE B 466 20.61 0.13 -7.35
CA PHE B 466 20.12 -0.86 -6.36
C PHE B 466 18.98 -1.68 -6.88
N THR B 467 18.01 -1.03 -7.56
CA THR B 467 16.89 -1.73 -8.10
C THR B 467 17.31 -2.84 -9.07
N ILE B 468 18.22 -2.49 -9.96
CA ILE B 468 18.63 -3.47 -10.98
C ILE B 468 19.37 -4.68 -10.32
N TRP B 469 20.28 -4.38 -9.37
CA TRP B 469 20.90 -5.42 -8.53
C TRP B 469 19.87 -6.31 -7.86
N TYR B 470 18.83 -5.70 -7.33
CA TYR B 470 17.82 -6.47 -6.64
C TYR B 470 17.13 -7.46 -7.56
N SER B 471 17.00 -7.07 -8.84
CA SER B 471 16.41 -7.94 -9.88
C SER B 471 17.23 -9.22 -10.07
N LEU B 472 18.54 -9.09 -9.96
CA LEU B 472 19.48 -10.24 -10.07
C LEU B 472 19.52 -11.05 -8.78
N TYR B 473 19.53 -10.35 -7.65
CA TYR B 473 19.33 -10.99 -6.31
C TYR B 473 18.15 -11.98 -6.26
N GLN B 474 17.05 -11.61 -6.91
CA GLN B 474 15.86 -12.48 -6.96
C GLN B 474 15.83 -13.48 -8.10
N ASN B 475 16.98 -13.58 -8.81
CA ASN B 475 17.17 -14.44 -9.93
C ASN B 475 16.14 -14.21 -11.04
N THR B 476 15.78 -12.94 -11.25
CA THR B 476 14.93 -12.59 -12.40
C THR B 476 15.81 -12.18 -13.56
N ASN B 477 15.14 -12.02 -14.69
CA ASN B 477 15.76 -11.53 -15.91
C ASN B 477 15.99 -10.06 -15.95
N GLY B 478 15.40 -9.30 -15.06
CA GLY B 478 15.56 -7.84 -15.16
C GLY B 478 14.41 -7.05 -14.60
N PHE B 479 14.13 -5.96 -15.28
CA PHE B 479 13.39 -4.86 -14.69
C PHE B 479 12.38 -4.33 -15.67
N LEU B 480 11.21 -3.98 -15.14
CA LEU B 480 10.16 -3.30 -15.88
C LEU B 480 9.75 -2.02 -15.15
N ARG B 481 9.37 -1.02 -15.91
CA ARG B 481 8.77 0.19 -15.32
C ARG B 481 7.77 0.81 -16.28
N TRP B 482 6.69 1.33 -15.75
CA TRP B 482 5.57 1.80 -16.56
C TRP B 482 5.90 3.17 -17.17
N SER B 483 7.11 3.70 -17.00
CA SER B 483 7.28 5.17 -16.92
C SER B 483 8.38 5.78 -17.77
N TRP B 484 8.41 5.47 -19.05
CA TRP B 484 9.47 6.03 -19.88
C TRP B 484 9.34 7.54 -20.00
N ASP B 485 8.12 8.00 -20.34
CA ASP B 485 7.89 9.32 -20.97
C ASP B 485 6.52 9.95 -20.66
N GLY B 486 5.92 9.56 -19.54
CA GLY B 486 4.60 10.05 -19.14
C GLY B 486 4.50 11.54 -18.67
N TRP B 487 4.93 12.45 -19.54
CA TRP B 487 5.11 13.82 -19.19
C TRP B 487 3.84 14.51 -18.74
N VAL B 488 4.01 15.41 -17.79
CA VAL B 488 2.93 16.34 -17.42
C VAL B 488 2.93 17.52 -18.42
N GLU B 489 2.34 18.65 -18.04
CA GLU B 489 2.22 19.75 -19.00
C GLU B 489 3.58 20.35 -19.43
N ASN B 490 4.36 20.79 -18.44
CA ASN B 490 5.66 21.47 -18.65
C ASN B 490 6.70 20.95 -17.60
N PRO B 491 7.10 19.67 -17.71
CA PRO B 491 7.92 19.05 -16.67
C PRO B 491 9.29 19.70 -16.53
N LEU B 492 9.79 20.35 -17.59
CA LEU B 492 11.06 21.14 -17.45
C LEU B 492 10.96 22.28 -16.42
N GLU B 493 9.77 22.76 -16.10
CA GLU B 493 9.66 23.75 -15.04
CA GLU B 493 9.54 23.80 -15.07
C GLU B 493 8.98 23.23 -13.75
N ASN B 494 8.06 22.25 -13.86
CA ASN B 494 7.30 21.73 -12.73
C ASN B 494 6.76 20.34 -13.07
N VAL B 495 7.23 19.34 -12.33
CA VAL B 495 6.81 17.95 -12.56
C VAL B 495 5.53 17.51 -11.85
N SER B 496 4.96 18.33 -10.98
CA SER B 496 3.92 17.88 -10.07
C SER B 496 2.68 17.40 -10.82
N TYR B 497 2.13 16.28 -10.35
CA TYR B 497 0.95 15.70 -10.89
C TYR B 497 0.02 15.35 -9.69
N LYS B 498 -1.27 15.23 -9.95
CA LYS B 498 -2.29 14.99 -8.93
C LYS B 498 -2.09 13.63 -8.28
N TYR B 499 -1.43 12.72 -8.98
CA TYR B 499 -1.05 11.46 -8.35
C TYR B 499 0.45 11.17 -8.33
N TRP B 500 0.78 10.32 -7.34
CA TRP B 500 2.07 9.64 -7.19
C TRP B 500 3.16 10.56 -6.77
N GLU B 501 4.26 9.96 -6.34
CA GLU B 501 5.48 10.75 -6.10
C GLU B 501 5.93 11.53 -7.40
N PRO B 502 6.54 12.70 -7.23
CA PRO B 502 6.94 13.53 -8.38
C PRO B 502 7.96 12.84 -9.29
N GLY B 503 7.69 12.87 -10.59
CA GLY B 503 8.55 12.25 -11.56
C GLY B 503 8.30 10.76 -11.75
N ASP B 504 7.42 10.14 -10.93
CA ASP B 504 7.09 8.73 -11.16
C ASP B 504 6.75 8.40 -12.63
N PRO B 505 6.00 9.25 -13.34
CA PRO B 505 5.58 8.79 -14.66
C PRO B 505 6.58 8.91 -15.83
N PHE B 506 7.77 9.44 -15.62
CA PHE B 506 8.70 9.60 -16.71
C PHE B 506 10.13 9.54 -16.25
N LEU B 507 10.93 8.73 -16.97
CA LEU B 507 12.40 8.58 -16.73
C LEU B 507 13.27 9.55 -17.57
N ILE B 508 12.68 10.09 -18.62
CA ILE B 508 13.32 11.13 -19.47
C ILE B 508 12.43 12.35 -19.46
N TYR B 509 13.05 13.50 -19.63
CA TYR B 509 12.33 14.73 -19.84
C TYR B 509 12.20 14.96 -21.34
N PRO B 510 11.19 15.75 -21.73
CA PRO B 510 11.20 16.24 -23.11
C PRO B 510 12.24 17.34 -23.22
N ALA B 511 12.61 17.69 -24.43
CA ALA B 511 13.28 18.95 -24.69
C ALA B 511 12.29 20.13 -24.63
N GLU B 512 12.83 21.32 -24.76
CA GLU B 512 12.05 22.55 -24.74
C GLU B 512 10.94 22.56 -25.77
N LYS B 513 9.75 23.04 -25.40
CA LYS B 513 8.65 23.17 -26.37
C LYS B 513 9.17 23.95 -27.57
N ASP B 514 8.79 23.53 -28.76
CA ASP B 514 9.26 24.24 -29.98
C ASP B 514 10.80 24.26 -30.18
N SER B 515 11.59 23.52 -29.39
CA SER B 515 13.01 23.14 -29.70
C SER B 515 13.15 22.53 -31.10
N ILE B 516 14.33 22.70 -31.69
CA ILE B 516 14.73 22.04 -32.94
C ILE B 516 16.09 21.47 -32.54
N GLY B 517 16.33 20.19 -32.68
CA GLY B 517 17.56 19.58 -32.12
C GLY B 517 17.25 18.46 -31.15
N LYS B 518 17.57 18.68 -29.89
CA LYS B 518 17.29 17.69 -28.87
C LYS B 518 15.77 17.41 -28.76
N THR B 519 15.42 16.13 -28.61
CA THR B 519 14.07 15.71 -28.41
C THR B 519 13.79 15.13 -27.03
N PHE B 520 14.81 15.05 -26.18
CA PHE B 520 14.66 14.52 -24.81
C PHE B 520 15.92 14.84 -24.04
N TYR B 521 15.78 14.90 -22.71
CA TYR B 521 16.93 14.88 -21.79
C TYR B 521 16.85 13.70 -20.83
N SER B 522 18.02 13.12 -20.54
CA SER B 522 18.15 12.07 -19.53
C SER B 522 18.09 12.65 -18.11
N THR B 523 18.08 11.73 -17.15
CA THR B 523 17.97 12.05 -15.75
C THR B 523 19.06 11.29 -15.02
N PRO B 524 19.54 11.80 -13.86
CA PRO B 524 20.46 11.00 -13.05
C PRO B 524 19.86 9.66 -12.65
N ARG B 525 18.59 9.67 -12.23
CA ARG B 525 17.92 8.40 -11.88
C ARG B 525 17.88 7.38 -13.03
N LEU B 526 17.70 7.85 -14.28
CA LEU B 526 17.80 6.95 -15.46
C LEU B 526 19.23 6.40 -15.66
N GLU B 527 20.21 7.31 -15.57
CA GLU B 527 21.63 6.92 -15.75
C GLU B 527 22.06 5.85 -14.73
N LYS B 528 21.52 5.92 -13.54
CA LYS B 528 21.80 4.90 -12.53
C LYS B 528 21.16 3.56 -12.81
N LEU B 529 19.96 3.58 -13.43
CA LEU B 529 19.42 2.36 -13.98
C LEU B 529 20.33 1.88 -15.12
N LYS B 530 20.79 2.77 -15.99
CA LYS B 530 21.69 2.33 -17.04
C LYS B 530 22.98 1.61 -16.48
N GLU B 531 23.61 2.25 -15.50
CA GLU B 531 24.77 1.67 -14.79
C GLU B 531 24.45 0.32 -14.16
N GLY B 532 23.36 0.28 -13.42
CA GLY B 532 22.90 -0.97 -12.82
C GLY B 532 22.81 -2.09 -13.82
N ILE B 533 22.25 -1.78 -14.98
CA ILE B 533 22.07 -2.76 -16.04
C ILE B 533 23.42 -3.25 -16.57
N ARG B 534 24.33 -2.29 -16.82
CA ARG B 534 25.67 -2.64 -17.29
C ARG B 534 26.39 -3.58 -16.35
N ASP B 535 26.20 -3.35 -15.06
CA ASP B 535 27.00 -3.95 -14.06
C ASP B 535 26.44 -5.32 -13.80
N ILE B 536 25.12 -5.52 -13.89
CA ILE B 536 24.58 -6.88 -13.72
C ILE B 536 24.95 -7.70 -14.96
N ASN B 537 25.10 -7.04 -16.12
CA ASN B 537 25.53 -7.75 -17.34
C ASN B 537 27.00 -8.19 -17.20
N LYS B 538 27.83 -7.39 -16.52
CA LYS B 538 29.19 -7.86 -16.12
C LYS B 538 29.08 -9.17 -15.30
N ALA B 539 28.24 -9.16 -14.28
CA ALA B 539 28.06 -10.30 -13.44
C ALA B 539 27.64 -11.54 -14.21
N LYS B 540 26.64 -11.39 -15.08
CA LYS B 540 26.10 -12.50 -15.82
C LYS B 540 27.17 -13.05 -16.81
N TYR B 541 27.90 -12.16 -17.47
CA TYR B 541 28.98 -12.53 -18.34
C TYR B 541 30.06 -13.37 -17.60
N LEU B 542 30.46 -12.93 -16.42
CA LEU B 542 31.47 -13.65 -15.61
C LEU B 542 30.94 -14.97 -15.18
N MET B 543 29.70 -15.03 -14.69
CA MET B 543 29.17 -16.35 -14.29
C MET B 543 29.07 -17.34 -15.46
N GLU B 544 28.88 -16.86 -16.69
CA GLU B 544 28.84 -17.73 -17.90
C GLU B 544 30.25 -18.10 -18.35
N LYS B 545 31.19 -17.15 -18.32
CA LYS B 545 32.54 -17.38 -18.81
C LYS B 545 33.53 -18.05 -17.82
N ALA B 546 33.27 -17.97 -16.53
CA ALA B 546 34.14 -18.50 -15.50
C ALA B 546 33.24 -19.23 -14.56
N PRO B 547 32.74 -20.38 -14.98
CA PRO B 547 31.85 -21.09 -14.02
C PRO B 547 32.54 -21.55 -12.71
N ASN B 548 33.88 -21.66 -12.65
CA ASN B 548 34.57 -21.88 -11.38
C ASN B 548 34.26 -20.74 -10.36
N LEU B 549 34.18 -19.48 -10.84
CA LEU B 549 33.78 -18.26 -10.06
C LEU B 549 32.29 -18.07 -9.77
N LYS B 550 31.44 -18.86 -10.40
CA LYS B 550 30.02 -18.66 -10.28
C LYS B 550 29.49 -18.69 -8.84
N ASN B 551 29.75 -19.78 -8.11
CA ASN B 551 29.31 -19.88 -6.71
C ASN B 551 29.73 -18.67 -5.88
N SER B 552 30.99 -18.22 -6.05
CA SER B 552 31.44 -17.06 -5.34
C SER B 552 30.69 -15.78 -5.76
N ILE B 553 30.41 -15.63 -7.05
CA ILE B 553 29.73 -14.43 -7.57
C ILE B 553 28.31 -14.38 -7.00
N GLU B 554 27.60 -15.50 -7.10
CA GLU B 554 26.30 -15.64 -6.47
C GLU B 554 26.32 -15.34 -4.98
N ASN B 555 27.37 -15.79 -4.28
CA ASN B 555 27.46 -15.53 -2.85
C ASN B 555 27.64 -14.04 -2.57
N LEU B 556 28.42 -13.31 -3.37
CA LEU B 556 28.41 -11.85 -3.25
C LEU B 556 27.00 -11.25 -3.49
N ILE B 557 26.32 -11.70 -4.53
CA ILE B 557 25.07 -11.04 -4.89
C ILE B 557 24.02 -11.31 -3.81
N TYR B 558 23.97 -12.56 -3.33
CA TYR B 558 23.09 -12.98 -2.24
C TYR B 558 23.33 -12.32 -0.85
N SER B 559 24.43 -11.57 -0.68
CA SER B 559 24.67 -10.79 0.52
C SER B 559 23.97 -9.42 0.50
N LEU B 560 23.26 -9.13 -0.60
CA LEU B 560 22.66 -7.83 -0.81
C LEU B 560 21.62 -7.60 0.31
N LYS B 561 21.74 -6.46 0.97
CA LYS B 561 20.80 -6.04 2.05
C LYS B 561 19.81 -5.03 1.49
N ARG B 562 18.56 -5.09 1.94
CA ARG B 562 17.52 -4.25 1.48
C ARG B 562 17.12 -3.30 2.60
N PRO B 563 16.95 -1.99 2.31
CA PRO B 563 16.52 -1.02 3.29
C PRO B 563 14.99 -1.13 3.65
N ASN B 564 14.61 -0.58 4.80
CA ASN B 564 13.23 -0.39 5.17
C ASN B 564 12.76 0.94 4.68
N LYS B 565 11.44 1.03 4.42
CA LYS B 565 10.81 2.27 3.98
C LYS B 565 9.81 2.83 4.95
N GLY B 566 9.59 4.13 4.80
CA GLY B 566 8.55 4.87 5.49
C GLY B 566 7.97 5.85 4.50
N GLU B 567 7.39 6.89 5.06
CA GLU B 567 6.76 7.98 4.32
C GLU B 567 7.22 9.32 4.86
N ASN B 568 7.31 10.35 4.04
CA ASN B 568 7.56 11.68 4.55
C ASN B 568 6.18 12.20 5.03
N ALA B 569 6.12 13.48 5.40
CA ALA B 569 4.90 14.02 6.03
C ALA B 569 3.82 14.24 4.98
N TYR B 570 4.17 14.13 3.72
CA TYR B 570 3.23 14.45 2.64
C TYR B 570 2.82 13.25 1.77
N GLY B 571 3.09 12.05 2.29
CA GLY B 571 2.61 10.82 1.70
C GLY B 571 3.59 10.09 0.78
N SER B 572 4.77 10.66 0.55
CA SER B 572 5.77 10.08 -0.41
C SER B 572 6.60 8.98 0.24
N ALA B 573 6.87 7.91 -0.46
CA ALA B 573 7.69 6.82 0.10
C ALA B 573 9.15 7.30 0.17
N VAL B 574 9.82 7.04 1.29
CA VAL B 574 11.22 7.42 1.56
C VAL B 574 11.90 6.32 2.38
N ALA B 575 13.21 6.44 2.57
CA ALA B 575 13.90 5.57 3.51
C ALA B 575 13.26 5.64 4.89
N ALA B 576 13.24 4.52 5.60
CA ALA B 576 12.71 4.44 6.97
C ALA B 576 13.61 5.10 8.04
N SER B 577 14.83 5.45 7.65
CA SER B 577 15.78 6.12 8.52
C SER B 577 16.98 6.60 7.71
N LYS B 578 17.82 7.45 8.31
CA LYS B 578 19.06 7.87 7.62
C LYS B 578 20.00 6.67 7.39
N GLU B 579 20.00 5.72 8.30
CA GLU B 579 20.80 4.50 8.18
C GLU B 579 20.34 3.65 6.97
N ASP B 580 19.01 3.58 6.79
CA ASP B 580 18.41 2.88 5.68
C ASP B 580 18.76 3.53 4.34
N ARG B 581 18.66 4.84 4.29
CA ARG B 581 19.11 5.64 3.14
C ARG B 581 20.57 5.38 2.77
N ASP B 582 21.48 5.41 3.75
CA ASP B 582 22.88 5.14 3.52
C ASP B 582 23.11 3.69 3.04
N LEU B 583 22.34 2.75 3.52
CA LEU B 583 22.47 1.35 3.13
C LEU B 583 22.23 1.16 1.65
N THR B 584 21.18 1.83 1.17
CA THR B 584 20.80 1.72 -0.22
C THR B 584 21.98 2.05 -1.14
N ILE B 585 22.55 3.21 -0.88
CA ILE B 585 23.68 3.72 -1.64
C ILE B 585 24.95 2.87 -1.44
N SER B 586 25.27 2.61 -0.18
CA SER B 586 26.45 1.83 0.12
C SER B 586 26.37 0.44 -0.53
N GLU B 587 25.17 -0.18 -0.62
CA GLU B 587 25.07 -1.56 -1.14
C GLU B 587 25.26 -1.61 -2.65
N ALA B 588 24.63 -0.72 -3.37
CA ALA B 588 24.75 -0.68 -4.79
C ALA B 588 26.23 -0.60 -5.17
N ASN B 589 26.98 0.26 -4.49
CA ASN B 589 28.41 0.41 -4.80
C ASN B 589 29.26 -0.79 -4.36
N ARG B 590 28.94 -1.36 -3.22
CA ARG B 590 29.66 -2.52 -2.75
C ARG B 590 29.55 -3.68 -3.77
N ILE B 591 28.39 -3.88 -4.36
CA ILE B 591 28.23 -5.04 -5.21
C ILE B 591 29.03 -4.75 -6.49
N LYS B 592 28.88 -3.56 -7.04
CA LYS B 592 29.56 -3.17 -8.30
C LYS B 592 31.10 -3.41 -8.14
N ASN B 593 31.67 -2.88 -7.04
CA ASN B 593 33.11 -3.00 -6.75
C ASN B 593 33.54 -4.45 -6.61
N GLY B 594 32.72 -5.25 -5.93
CA GLY B 594 32.96 -6.70 -5.84
C GLY B 594 32.95 -7.43 -7.17
N ILE B 595 32.00 -7.09 -8.02
CA ILE B 595 31.96 -7.67 -9.37
C ILE B 595 33.21 -7.37 -10.21
N ASN B 596 33.72 -6.14 -10.10
CA ASN B 596 34.97 -5.79 -10.73
C ASN B 596 36.20 -6.43 -10.11
N ASN B 597 36.18 -6.78 -8.82
CA ASN B 597 37.23 -7.65 -8.26
C ASN B 597 37.16 -9.03 -8.88
N PHE B 598 35.98 -9.60 -9.07
CA PHE B 598 35.88 -10.88 -9.72
C PHE B 598 36.39 -10.81 -11.18
N ALA B 599 36.20 -9.68 -11.84
CA ALA B 599 36.66 -9.46 -13.23
C ALA B 599 38.18 -9.50 -13.28
N ARG B 600 38.82 -8.73 -12.40
CA ARG B 600 40.29 -8.85 -12.18
C ARG B 600 40.79 -10.29 -11.96
N GLU B 601 40.11 -11.01 -11.07
CA GLU B 601 40.47 -12.40 -10.80
C GLU B 601 40.32 -13.20 -12.10
N PHE B 602 39.22 -13.02 -12.81
CA PHE B 602 39.06 -13.75 -14.06
C PHE B 602 40.23 -13.45 -15.00
N ILE B 603 40.57 -12.17 -15.18
CA ILE B 603 41.62 -11.76 -16.12
C ILE B 603 42.97 -12.41 -15.71
N SER B 604 43.29 -12.43 -14.42
CA SER B 604 44.43 -13.22 -13.90
C SER B 604 44.43 -14.68 -14.23
N LEU B 605 43.34 -15.38 -13.95
CA LEU B 605 43.25 -16.78 -14.28
C LEU B 605 43.52 -17.05 -15.74
N THR B 606 43.15 -16.15 -16.65
CA THR B 606 43.51 -16.30 -18.06
C THR B 606 44.96 -15.91 -18.41
N MET B 607 45.36 -14.67 -18.10
CA MET B 607 46.73 -14.18 -18.36
C MET B 607 47.79 -14.94 -17.49
C1 NGA C . -4.13 3.81 9.49
C2 NGA C . -3.68 4.87 10.49
C3 NGA C . -4.83 5.81 10.89
C4 NGA C . -5.64 6.22 9.65
C5 NGA C . -6.08 4.93 8.97
C6 NGA C . -7.04 5.16 7.80
C7 NGA C . -3.63 3.29 12.38
C8 NGA C . -2.87 2.65 13.53
N2 NGA C . -3.05 4.23 11.63
O1 NGA C . -2.96 3.29 8.87
O3 NGA C . -4.38 6.97 11.56
O4 NGA C . -4.91 7.06 8.74
O5 NGA C . -4.91 4.32 8.43
O6 NGA C . -7.61 3.90 7.40
O7 NGA C . -4.76 2.98 12.13
C1 NGA D . -4.31 -6.99 34.00
C2 NGA D . -5.46 -7.28 33.00
C3 NGA D . -4.95 -8.63 32.37
C4 NGA D . -3.56 -8.45 31.70
C5 NGA D . -2.54 -7.70 32.61
C6 NGA D . -1.24 -7.26 31.91
C7 NGA D . -7.87 -6.50 33.45
C8 NGA D . -9.05 -6.94 34.27
N2 NGA D . -6.79 -7.36 33.60
O1 NGA D . -4.58 -6.09 35.06
O3 NGA D . -5.84 -9.24 31.44
O4 NGA D . -3.72 -7.76 30.45
O5 NGA D . -3.18 -6.54 33.23
O6 NGA D . -0.13 -7.53 32.77
O7 NGA D . -7.98 -5.46 32.76
C FMT E . -27.94 3.89 23.95
O1 FMT E . -27.41 4.93 24.34
O2 FMT E . -28.14 3.75 22.62
C FMT F . 13.67 11.13 38.99
O1 FMT F . 12.99 10.52 39.84
O2 FMT F . 15.00 11.35 39.15
C FMT G . -35.93 -0.09 10.48
O1 FMT G . -35.04 0.47 9.82
O2 FMT G . -35.95 0.01 11.81
C FMT H . -1.28 29.17 12.68
O1 FMT H . -0.84 28.93 13.78
O2 FMT H . -2.38 29.91 12.68
C FMT I . -31.17 11.60 24.90
O1 FMT I . -30.11 11.24 24.43
O2 FMT I . -32.12 10.69 24.96
C FMT J . -9.56 -33.50 28.19
O1 FMT J . -9.13 -32.54 28.79
O2 FMT J . -8.82 -34.59 28.42
C FMT K . 4.87 -7.61 1.93
O1 FMT K . 6.08 -7.65 1.82
O2 FMT K . 4.37 -7.16 3.08
C FMT L . -26.09 -14.66 -3.47
O1 FMT L . -25.04 -14.04 -3.34
O2 FMT L . -26.60 -15.26 -2.41
C1 NGA M . 1.85 0.83 -11.01
C2 NGA M . 0.91 0.41 -12.16
C3 NGA M . 0.86 1.54 -13.24
C4 NGA M . 0.76 2.89 -12.58
C5 NGA M . 1.82 3.10 -11.50
C6 NGA M . 1.90 4.48 -10.80
C7 NGA M . 2.64 -1.10 -13.15
C8 NGA M . 2.98 -2.46 -13.61
N2 NGA M . 1.38 -0.90 -12.71
O1 NGA M . 1.57 -0.12 -10.02
O3 NGA M . -0.26 1.32 -14.11
O4 NGA M . -0.54 2.98 -11.98
O5 NGA M . 1.59 2.12 -10.48
O6 NGA M . 3.21 4.54 -10.14
O7 NGA M . 3.50 -0.24 -13.21
C1 NGA N . 16.73 -14.43 -27.13
C2 NGA N . 17.28 -13.13 -26.50
C3 NGA N . 18.00 -13.66 -25.24
C4 NGA N . 16.99 -14.34 -24.27
C5 NGA N . 16.21 -15.43 -25.04
C6 NGA N . 15.11 -16.16 -24.23
C7 NGA N . 17.99 -11.13 -27.84
C8 NGA N . 19.05 -10.58 -28.76
N2 NGA N . 18.17 -12.38 -27.38
O1 NGA N . 16.33 -14.31 -28.49
O3 NGA N . 18.78 -12.64 -24.63
O4 NGA N . 16.10 -13.43 -23.62
O5 NGA N . 15.67 -14.88 -26.27
O6 NGA N . 14.28 -16.92 -25.14
O7 NGA N . 17.02 -10.40 -27.59
C FMT O . 18.02 13.66 -29.47
O1 FMT O . 17.85 14.38 -28.46
O2 FMT O . 16.97 13.28 -30.23
C FMT P . -19.96 7.16 -24.56
O1 FMT P . -19.32 8.19 -24.50
O2 FMT P . -19.37 6.05 -24.16
C FMT Q . -4.50 16.72 -21.17
O1 FMT Q . -3.76 17.21 -22.03
O2 FMT Q . -5.10 17.50 -20.26
C FMT R . 4.69 -15.43 -37.19
O1 FMT R . 5.49 -15.08 -36.34
O2 FMT R . 4.03 -14.45 -37.74
C FMT S . 21.95 24.69 -19.08
O1 FMT S . 21.14 24.36 -18.23
O2 FMT S . 22.35 23.75 -19.93
C FMT T . -4.11 7.52 -2.78
O1 FMT T . -3.36 7.49 -1.81
O2 FMT T . -4.94 6.50 -2.97
C FMT U . 26.19 17.17 1.48
O1 FMT U . 27.14 16.50 1.83
O2 FMT U . 25.01 16.63 1.66
#